data_3M1G
#
_entry.id   3M1G
#
_cell.length_a   167.245
_cell.length_b   167.245
_cell.length_c   226.855
_cell.angle_alpha   90.000
_cell.angle_beta   90.000
_cell.angle_gamma   90.000
#
_symmetry.space_group_name_H-M   'I 4 2 2'
#
loop_
_entity.id
_entity.type
_entity.pdbx_description
1 polymer 'Putative glutathione S-transferase'
2 non-polymer GLYCEROL
3 non-polymer 1,2-ETHANEDIOL
4 water water
#
_entity_poly.entity_id   1
_entity_poly.type   'polypeptide(L)'
_entity_poly.pdbx_seq_one_letter_code
;SNA(MSE)ANTSSDWAGAPQNASADGEFVRDTNYIDDRIVADVPAGSEPIAQEDGTFHWPVEAGRYRLVAARACPWAHRT
VITRRLLGLENVISLGLTGPTHDVRSWTFDLDPNHLDPVLQIPRLQDAYFNRFPDYPRGITVPALVEESSKKVVTNDYPS
ITIDFNLEWKQFHREGAPNLYPAELREE(MSE)APV(MSE)KRIFTEVNNGVYRTGFAGSQEAHNEAYKRLWVALDWLED
RLSTRRYL(MSE)GDHITEADIRLYPTLVRFDAVYHGHFKCGRNKITE(MSE)PNLWGYLRDLFQTPGFGDTTDFTEIKQ
HYYITHAEINPTRIVPVGPDLSGFATPHGREKLGGSPFAEGVTLPGPIPAGEEVKNPEPFQK
;
_entity_poly.pdbx_strand_id   A,B,C
#
# COMPACT_ATOMS: atom_id res chain seq x y z
N ASN A 29 35.72 -21.48 2.72
CA ASN A 29 34.90 -20.54 1.89
C ASN A 29 33.70 -20.03 2.69
N TYR A 30 33.95 -19.58 3.93
CA TYR A 30 32.98 -18.83 4.72
C TYR A 30 32.69 -17.41 4.13
N ILE A 31 31.44 -17.16 3.71
CA ILE A 31 31.06 -15.94 3.01
C ILE A 31 29.96 -15.24 3.80
N ASP A 32 30.27 -14.05 4.31
CA ASP A 32 29.36 -13.32 5.19
C ASP A 32 28.99 -11.94 4.66
N ASP A 33 28.86 -11.81 3.33
CA ASP A 33 28.17 -10.64 2.78
C ASP A 33 26.74 -10.69 3.27
N ARG A 34 25.98 -9.61 3.09
CA ARG A 34 24.59 -9.55 3.55
C ARG A 34 23.74 -8.90 2.46
N ILE A 35 22.48 -9.31 2.37
CA ILE A 35 21.52 -8.69 1.51
C ILE A 35 20.66 -7.77 2.37
N VAL A 36 20.66 -6.47 2.05
CA VAL A 36 20.06 -5.46 2.90
C VAL A 36 19.12 -4.49 2.16
N ALA A 37 18.24 -3.89 2.95
CA ALA A 37 17.25 -2.92 2.50
C ALA A 37 17.87 -1.58 2.09
N ASP A 38 19.02 -1.20 2.65
CA ASP A 38 19.57 0.14 2.34
CA ASP A 38 19.59 0.13 2.36
C ASP A 38 20.58 0.16 1.19
N VAL A 39 20.63 -0.90 0.40
CA VAL A 39 21.33 -0.88 -0.86
C VAL A 39 20.22 -1.06 -1.92
N PRO A 40 20.22 -0.20 -2.93
CA PRO A 40 19.07 -0.21 -3.82
C PRO A 40 19.10 -1.24 -4.94
N ALA A 41 17.94 -1.56 -5.45
CA ALA A 41 17.76 -2.66 -6.39
C ALA A 41 18.55 -2.39 -7.66
N GLY A 42 19.20 -3.43 -8.15
CA GLY A 42 20.00 -3.35 -9.34
C GLY A 42 21.47 -3.05 -9.07
N SER A 43 21.79 -2.58 -7.85
CA SER A 43 23.15 -2.17 -7.51
C SER A 43 24.10 -3.36 -7.52
N GLU A 44 25.34 -3.08 -7.87
CA GLU A 44 26.47 -3.96 -7.56
C GLU A 44 26.61 -4.07 -6.03
N PRO A 45 27.29 -5.12 -5.55
CA PRO A 45 27.53 -5.19 -4.09
C PRO A 45 28.40 -4.01 -3.63
N ILE A 46 28.09 -3.47 -2.45
CA ILE A 46 28.71 -2.26 -1.93
C ILE A 46 29.68 -2.55 -0.82
N ALA A 47 30.93 -2.13 -0.99
CA ALA A 47 31.98 -2.46 -0.02
C ALA A 47 31.68 -1.78 1.32
N GLN A 48 31.79 -2.54 2.40
CA GLN A 48 31.69 -2.07 3.77
C GLN A 48 33.10 -1.95 4.41
N GLU A 49 33.20 -1.07 5.43
CA GLU A 49 34.43 -0.89 6.20
C GLU A 49 35.00 -2.17 6.75
N ASP A 50 34.17 -3.16 7.05
CA ASP A 50 34.69 -4.40 7.63
C ASP A 50 35.17 -5.44 6.62
N GLY A 51 35.27 -5.05 5.35
CA GLY A 51 35.74 -5.93 4.29
C GLY A 51 34.66 -6.76 3.59
N THR A 52 33.44 -6.74 4.12
CA THR A 52 32.35 -7.48 3.48
C THR A 52 31.68 -6.59 2.46
N PHE A 53 30.69 -7.14 1.76
CA PHE A 53 29.89 -6.35 0.84
C PHE A 53 28.42 -6.50 1.17
N HIS A 54 27.66 -5.46 0.91
CA HIS A 54 26.20 -5.49 1.08
C HIS A 54 25.53 -5.41 -0.29
N TRP A 55 24.60 -6.35 -0.50
CA TRP A 55 23.86 -6.50 -1.72
C TRP A 55 22.42 -6.00 -1.47
N PRO A 56 21.68 -5.67 -2.53
CA PRO A 56 20.34 -5.12 -2.40
C PRO A 56 19.27 -6.17 -2.35
N VAL A 57 18.30 -6.00 -1.45
CA VAL A 57 17.08 -6.84 -1.51
C VAL A 57 16.32 -6.46 -2.80
N GLU A 58 15.96 -7.48 -3.57
CA GLU A 58 15.11 -7.36 -4.73
C GLU A 58 14.61 -8.73 -5.13
N ALA A 59 13.46 -8.75 -5.80
CA ALA A 59 12.82 -9.97 -6.23
C ALA A 59 13.53 -10.53 -7.45
N GLY A 60 13.57 -11.85 -7.54
CA GLY A 60 14.01 -12.50 -8.78
C GLY A 60 15.53 -12.44 -9.01
N ARG A 61 16.32 -12.08 -8.00
CA ARG A 61 17.78 -12.02 -8.19
C ARG A 61 18.53 -13.20 -7.52
N TYR A 62 18.00 -13.68 -6.41
CA TYR A 62 18.71 -14.63 -5.57
C TYR A 62 17.97 -15.97 -5.40
N ARG A 63 18.76 -17.01 -5.14
CA ARG A 63 18.26 -18.36 -4.92
C ARG A 63 18.76 -18.87 -3.57
N LEU A 64 17.85 -19.46 -2.80
CA LEU A 64 18.23 -20.16 -1.58
C LEU A 64 18.57 -21.60 -1.96
N VAL A 65 19.80 -22.00 -1.65
CA VAL A 65 20.25 -23.34 -1.97
C VAL A 65 20.29 -24.04 -0.63
N ALA A 66 19.46 -25.07 -0.50
CA ALA A 66 19.25 -25.74 0.78
C ALA A 66 19.28 -27.27 0.59
N ALA A 67 19.21 -28.02 1.69
CA ALA A 67 19.09 -29.49 1.62
C ALA A 67 18.05 -29.87 2.65
N ARG A 68 17.14 -30.77 2.28
CA ARG A 68 16.11 -31.26 3.21
C ARG A 68 16.67 -31.87 4.49
N ALA A 69 17.80 -32.56 4.39
CA ALA A 69 18.34 -33.29 5.56
C ALA A 69 19.03 -32.40 6.58
N CYS A 70 19.51 -31.26 6.13
CA CYS A 70 20.40 -30.42 6.91
C CYS A 70 19.61 -29.50 7.83
N PRO A 71 19.83 -29.57 9.16
CA PRO A 71 19.08 -28.69 10.08
C PRO A 71 19.35 -27.17 9.95
N TRP A 72 20.59 -26.81 9.62
CA TRP A 72 20.93 -25.43 9.45
C TRP A 72 20.17 -24.86 8.25
N ALA A 73 20.13 -25.61 7.17
CA ALA A 73 19.33 -25.25 6.00
C ALA A 73 17.86 -25.21 6.28
N HIS A 74 17.39 -26.15 7.12
CA HIS A 74 16.00 -26.22 7.44
C HIS A 74 15.50 -24.88 8.03
N ARG A 75 16.29 -24.24 8.91
CA ARG A 75 15.91 -22.91 9.43
C ARG A 75 15.53 -21.89 8.33
N THR A 76 16.34 -21.85 7.28
CA THR A 76 16.16 -20.91 6.20
C THR A 76 14.92 -21.21 5.39
N VAL A 77 14.63 -22.50 5.22
CA VAL A 77 13.44 -22.92 4.47
C VAL A 77 12.16 -22.61 5.23
N ILE A 78 12.18 -22.87 6.53
CA ILE A 78 11.01 -22.60 7.38
C ILE A 78 10.73 -21.07 7.35
N THR A 79 11.77 -20.27 7.51
CA THR A 79 11.61 -18.82 7.61
C THR A 79 11.09 -18.27 6.26
N ARG A 80 11.67 -18.75 5.16
CA ARG A 80 11.21 -18.36 3.83
C ARG A 80 9.73 -18.63 3.62
N ARG A 81 9.28 -19.81 4.06
CA ARG A 81 7.86 -20.12 3.98
C ARG A 81 6.98 -19.26 4.93
N LEU A 82 7.36 -19.13 6.19
CA LEU A 82 6.57 -18.39 7.13
C LEU A 82 6.37 -16.95 6.68
N LEU A 83 7.43 -16.35 6.13
CA LEU A 83 7.37 -14.94 5.74
C LEU A 83 6.76 -14.67 4.38
N GLY A 84 6.61 -15.70 3.55
CA GLY A 84 6.06 -15.53 2.21
C GLY A 84 7.07 -14.96 1.24
N LEU A 85 8.32 -15.43 1.35
CA LEU A 85 9.37 -15.05 0.45
C LEU A 85 9.56 -16.06 -0.68
N GLU A 86 8.65 -17.03 -0.80
CA GLU A 86 8.80 -18.10 -1.79
C GLU A 86 8.67 -17.59 -3.23
N ASN A 87 7.89 -16.53 -3.45
CA ASN A 87 7.75 -16.02 -4.79
C ASN A 87 8.81 -14.95 -5.15
N VAL A 88 9.74 -14.61 -4.24
CA VAL A 88 10.74 -13.61 -4.57
C VAL A 88 12.21 -14.08 -4.49
N ILE A 89 12.43 -15.16 -3.75
CA ILE A 89 13.70 -15.86 -3.69
C ILE A 89 13.40 -17.31 -4.09
N SER A 90 14.11 -17.80 -5.09
CA SER A 90 13.87 -19.15 -5.60
C SER A 90 14.56 -20.18 -4.69
N LEU A 91 14.29 -21.46 -4.94
CA LEU A 91 14.74 -22.54 -4.05
C LEU A 91 15.41 -23.63 -4.88
N GLY A 92 16.66 -23.95 -4.53
CA GLY A 92 17.36 -25.10 -5.06
C GLY A 92 17.62 -26.11 -3.93
N LEU A 93 17.30 -27.37 -4.18
CA LEU A 93 17.56 -28.46 -3.21
C LEU A 93 18.76 -29.31 -3.65
N THR A 94 19.69 -29.55 -2.72
N THR A 94 19.70 -29.54 -2.73
CA THR A 94 20.94 -30.29 -2.98
CA THR A 94 20.92 -30.33 -2.99
C THR A 94 21.26 -31.16 -1.76
C THR A 94 21.39 -30.92 -1.66
N GLY A 95 22.50 -31.66 -1.67
CA GLY A 95 22.99 -32.38 -0.44
C GLY A 95 23.68 -31.56 0.68
N PRO A 96 23.61 -32.05 1.95
CA PRO A 96 24.25 -31.31 3.06
C PRO A 96 25.79 -31.21 2.99
N THR A 97 26.34 -30.23 3.73
CA THR A 97 27.80 -30.04 3.76
C THR A 97 28.39 -29.83 5.17
N HIS A 98 27.63 -29.24 6.11
CA HIS A 98 28.13 -28.93 7.46
C HIS A 98 28.30 -30.17 8.37
N ASP A 99 27.63 -31.29 8.07
CA ASP A 99 27.66 -32.46 9.00
C ASP A 99 29.04 -33.11 9.18
N ILE A 136 29.46 -26.35 -3.21
CA ILE A 136 29.24 -25.24 -2.27
C ILE A 136 28.60 -25.64 -0.91
N THR A 137 28.97 -24.89 0.12
CA THR A 137 28.36 -24.97 1.45
C THR A 137 26.86 -24.56 1.44
N VAL A 138 26.05 -25.37 2.14
CA VAL A 138 24.60 -25.18 2.26
C VAL A 138 24.26 -24.92 3.73
N PRO A 139 23.25 -24.06 4.02
CA PRO A 139 22.47 -23.22 3.10
C PRO A 139 23.30 -22.06 2.59
N ALA A 140 22.93 -21.56 1.41
CA ALA A 140 23.55 -20.40 0.80
C ALA A 140 22.52 -19.61 0.01
N LEU A 141 22.71 -18.28 -0.02
CA LEU A 141 22.01 -17.44 -1.00
C LEU A 141 22.96 -17.18 -2.15
N VAL A 142 22.47 -17.48 -3.36
CA VAL A 142 23.24 -17.44 -4.58
C VAL A 142 22.61 -16.45 -5.58
N GLU A 143 23.44 -15.62 -6.22
CA GLU A 143 22.96 -14.75 -7.28
C GLU A 143 22.72 -15.60 -8.51
N GLU A 144 21.46 -15.75 -8.92
CA GLU A 144 21.12 -16.65 -10.05
C GLU A 144 21.89 -16.38 -11.35
N SER A 145 22.04 -15.13 -11.74
CA SER A 145 22.65 -14.84 -13.05
C SER A 145 24.13 -15.21 -13.11
N SER A 146 24.85 -14.99 -12.03
CA SER A 146 26.31 -15.14 -12.01
C SER A 146 26.74 -16.42 -11.30
N LYS A 147 25.81 -17.08 -10.62
CA LYS A 147 26.14 -18.14 -9.67
C LYS A 147 27.11 -17.77 -8.55
N LYS A 148 27.35 -16.50 -8.26
CA LYS A 148 28.19 -16.18 -7.13
C LYS A 148 27.46 -16.48 -5.81
N VAL A 149 28.18 -17.01 -4.84
CA VAL A 149 27.62 -17.20 -3.53
C VAL A 149 27.68 -15.85 -2.83
N VAL A 150 26.49 -15.34 -2.49
CA VAL A 150 26.37 -14.10 -1.74
C VAL A 150 26.67 -14.30 -0.27
N THR A 151 26.06 -15.31 0.34
CA THR A 151 26.33 -15.60 1.73
C THR A 151 26.02 -17.06 2.10
N ASN A 152 26.83 -17.60 3.00
CA ASN A 152 26.54 -18.87 3.66
C ASN A 152 26.56 -18.74 5.17
N ASP A 153 26.39 -17.51 5.66
CA ASP A 153 26.34 -17.28 7.07
C ASP A 153 24.89 -17.46 7.56
N TYR A 154 24.55 -18.69 7.93
CA TYR A 154 23.14 -19.08 8.12
C TYR A 154 22.43 -18.31 9.27
N PRO A 155 23.14 -17.92 10.36
CA PRO A 155 22.44 -17.06 11.35
C PRO A 155 21.99 -15.68 10.80
N SER A 156 22.81 -15.02 9.99
CA SER A 156 22.38 -13.75 9.45
C SER A 156 21.37 -13.91 8.33
N ILE A 157 21.30 -15.08 7.69
CA ILE A 157 20.33 -15.28 6.64
C ILE A 157 18.91 -15.14 7.19
N THR A 158 18.59 -15.81 8.29
CA THR A 158 17.23 -15.79 8.81
C THR A 158 16.93 -14.44 9.49
N ILE A 159 17.91 -13.86 10.17
CA ILE A 159 17.68 -12.55 10.75
C ILE A 159 17.39 -11.56 9.63
N ASP A 160 18.18 -11.60 8.58
CA ASP A 160 17.97 -10.68 7.45
C ASP A 160 16.67 -10.95 6.70
N PHE A 161 16.28 -12.22 6.54
CA PHE A 161 14.93 -12.50 5.96
C PHE A 161 13.84 -11.74 6.73
N ASN A 162 13.91 -11.77 8.07
CA ASN A 162 12.98 -11.06 8.93
C ASN A 162 13.05 -9.54 8.87
N LEU A 163 14.25 -8.97 8.90
CA LEU A 163 14.38 -7.52 9.08
C LEU A 163 14.65 -6.80 7.77
N GLU A 164 15.43 -7.38 6.86
CA GLU A 164 15.84 -6.64 5.64
C GLU A 164 14.82 -6.80 4.52
N TRP A 165 14.11 -7.94 4.52
CA TRP A 165 13.20 -8.29 3.42
C TRP A 165 11.76 -7.96 3.73
N LYS A 166 11.51 -7.17 4.77
CA LYS A 166 10.18 -6.83 5.24
C LYS A 166 9.19 -6.38 4.17
N GLN A 167 9.65 -5.55 3.24
CA GLN A 167 8.71 -5.05 2.21
C GLN A 167 8.31 -6.13 1.23
N PHE A 168 8.98 -7.28 1.24
CA PHE A 168 8.62 -8.40 0.37
C PHE A 168 7.85 -9.50 1.11
N HIS A 169 7.69 -9.40 2.42
CA HIS A 169 6.90 -10.37 3.15
C HIS A 169 5.47 -10.38 2.66
N ARG A 170 4.82 -11.52 2.82
CA ARG A 170 3.36 -11.62 2.69
C ARG A 170 2.71 -10.60 3.62
N GLU A 171 1.67 -9.92 3.15
CA GLU A 171 0.95 -8.98 4.01
CA GLU A 171 0.93 -8.99 4.00
C GLU A 171 0.37 -9.76 5.22
N GLY A 172 0.62 -9.27 6.42
CA GLY A 172 0.19 -9.93 7.64
C GLY A 172 1.17 -11.00 8.15
N ALA A 173 2.36 -11.11 7.56
CA ALA A 173 3.38 -12.09 7.98
C ALA A 173 3.77 -11.91 9.46
N PRO A 174 4.19 -12.99 10.17
CA PRO A 174 4.50 -12.76 11.57
C PRO A 174 5.78 -11.94 11.78
N ASN A 175 5.88 -11.30 12.94
CA ASN A 175 7.11 -10.68 13.44
C ASN A 175 7.84 -11.74 14.30
N LEU A 176 8.78 -12.43 13.68
CA LEU A 176 9.48 -13.56 14.32
C LEU A 176 10.68 -13.10 15.17
N TYR A 177 11.08 -11.84 15.04
CA TYR A 177 12.27 -11.34 15.73
C TYR A 177 12.00 -9.93 16.29
N PRO A 178 11.05 -9.83 17.20
CA PRO A 178 10.60 -8.51 17.66
C PRO A 178 11.62 -7.79 18.54
N ALA A 179 11.73 -6.49 18.32
CA ALA A 179 12.71 -5.62 18.98
C ALA A 179 12.80 -5.86 20.48
N GLU A 180 11.67 -5.99 21.14
CA GLU A 180 11.66 -6.07 22.62
C GLU A 180 12.18 -7.39 23.16
N LEU A 181 12.32 -8.41 22.31
CA LEU A 181 12.75 -9.73 22.79
C LEU A 181 14.20 -10.04 22.38
N ARG A 182 14.79 -9.21 21.50
CA ARG A 182 16.08 -9.54 20.88
C ARG A 182 17.22 -9.73 21.89
N GLU A 183 17.24 -8.85 22.89
CA GLU A 183 18.24 -8.92 23.96
C GLU A 183 18.17 -10.18 24.78
N GLU A 184 17.00 -10.55 25.30
CA GLU A 184 16.88 -11.82 26.06
CA GLU A 184 16.91 -11.78 26.05
C GLU A 184 17.05 -13.02 25.14
N ALA A 186 19.18 -13.44 22.68
CA ALA A 186 20.52 -13.73 22.23
C ALA A 186 21.17 -14.85 23.08
N PRO A 187 21.17 -14.74 24.41
CA PRO A 187 21.82 -15.84 25.14
C PRO A 187 21.10 -17.19 25.06
N VAL A 188 19.78 -17.17 25.00
CA VAL A 188 19.01 -18.39 24.86
C VAL A 188 19.39 -19.12 23.56
N LYS A 190 22.23 -18.73 21.84
CA LYS A 190 23.62 -19.15 21.91
C LYS A 190 23.73 -20.47 22.71
N ARG A 191 23.08 -20.56 23.87
CA ARG A 191 23.10 -21.76 24.66
C ARG A 191 22.52 -22.94 23.85
N ILE A 192 21.42 -22.73 23.14
CA ILE A 192 20.86 -23.79 22.31
C ILE A 192 21.85 -24.20 21.20
N PHE A 193 22.50 -23.23 20.60
CA PHE A 193 23.44 -23.53 19.55
C PHE A 193 24.64 -24.41 20.01
N THR A 194 25.34 -24.01 21.05
CA THR A 194 26.53 -24.74 21.45
C THR A 194 26.18 -26.07 22.14
N GLU A 195 25.11 -26.12 22.92
CA GLU A 195 24.85 -27.33 23.73
C GLU A 195 23.87 -28.31 23.11
N VAL A 196 23.03 -27.85 22.16
CA VAL A 196 21.97 -28.66 21.55
C VAL A 196 22.16 -28.80 20.04
N ASN A 197 22.10 -27.68 19.27
CA ASN A 197 22.23 -27.75 17.82
C ASN A 197 23.53 -28.41 17.42
N ASN A 198 24.66 -27.92 17.94
CA ASN A 198 25.94 -28.55 17.75
C ASN A 198 26.17 -29.71 18.68
N GLY A 199 25.52 -29.68 19.83
CA GLY A 199 25.66 -30.69 20.89
C GLY A 199 25.44 -32.12 20.41
N VAL A 200 24.43 -32.32 19.55
CA VAL A 200 24.19 -33.63 18.99
C VAL A 200 25.36 -34.11 18.11
N TYR A 201 25.93 -33.21 17.30
CA TYR A 201 27.07 -33.54 16.42
C TYR A 201 28.33 -33.86 17.23
N ARG A 202 28.61 -33.08 18.26
CA ARG A 202 29.75 -33.35 19.14
C ARG A 202 29.61 -34.74 19.84
N THR A 203 28.36 -35.12 20.14
CA THR A 203 28.07 -36.42 20.75
C THR A 203 28.24 -37.53 19.73
N GLY A 204 27.67 -37.35 18.54
CA GLY A 204 27.70 -38.35 17.51
C GLY A 204 29.04 -38.59 16.85
N PHE A 205 29.81 -37.51 16.63
CA PHE A 205 31.11 -37.62 15.98
C PHE A 205 32.27 -37.71 16.96
N ALA A 206 32.00 -37.93 18.25
CA ALA A 206 33.05 -38.01 19.24
C ALA A 206 34.06 -39.06 18.80
N GLY A 207 35.34 -38.74 19.02
CA GLY A 207 36.45 -39.60 18.61
C GLY A 207 36.99 -40.53 19.67
N SER A 208 36.43 -40.45 20.88
CA SER A 208 36.83 -41.31 21.96
C SER A 208 35.63 -41.43 22.91
N GLN A 209 35.70 -42.39 23.82
CA GLN A 209 34.63 -42.63 24.78
C GLN A 209 34.47 -41.41 25.67
N GLU A 210 35.61 -40.85 26.04
CA GLU A 210 35.69 -39.71 26.95
C GLU A 210 35.01 -38.50 26.33
N ALA A 211 35.24 -38.31 25.04
CA ALA A 211 34.67 -37.19 24.32
C ALA A 211 33.17 -37.40 24.20
N HIS A 212 32.73 -38.64 23.96
CA HIS A 212 31.29 -38.95 23.94
C HIS A 212 30.65 -38.60 25.27
N ASN A 213 31.25 -39.08 26.35
CA ASN A 213 30.71 -38.90 27.69
C ASN A 213 30.46 -37.42 28.04
N GLU A 214 31.42 -36.58 27.71
CA GLU A 214 31.32 -35.16 28.03
C GLU A 214 30.28 -34.45 27.16
N ALA A 215 30.28 -34.75 25.87
CA ALA A 215 29.34 -34.14 24.98
C ALA A 215 27.90 -34.53 25.36
N TYR A 216 27.71 -35.80 25.73
CA TYR A 216 26.40 -36.29 26.12
C TYR A 216 25.89 -35.56 27.37
N LYS A 217 26.77 -35.40 28.34
CA LYS A 217 26.41 -34.74 29.57
C LYS A 217 25.97 -33.32 29.26
N ARG A 218 26.74 -32.60 28.45
CA ARG A 218 26.37 -31.23 28.07
C ARG A 218 25.02 -31.16 27.37
N LEU A 219 24.78 -32.08 26.45
CA LEU A 219 23.52 -32.08 25.70
C LEU A 219 22.33 -32.21 26.66
N TRP A 220 22.44 -33.12 27.62
CA TRP A 220 21.30 -33.40 28.50
C TRP A 220 21.06 -32.35 29.59
N VAL A 221 22.12 -31.70 30.05
CA VAL A 221 21.97 -30.52 30.93
C VAL A 221 21.13 -29.47 30.17
N ALA A 222 21.42 -29.26 28.90
CA ALA A 222 20.69 -28.26 28.12
C ALA A 222 19.26 -28.71 27.81
N LEU A 223 19.06 -29.97 27.41
CA LEU A 223 17.68 -30.45 27.15
C LEU A 223 16.82 -30.41 28.43
N ASP A 224 17.44 -30.68 29.59
CA ASP A 224 16.66 -30.59 30.84
C ASP A 224 16.33 -29.13 31.18
N TRP A 225 17.26 -28.21 30.88
CA TRP A 225 16.98 -26.78 31.00
C TRP A 225 15.81 -26.39 30.07
N LEU A 226 15.82 -26.85 28.83
CA LEU A 226 14.74 -26.49 27.90
C LEU A 226 13.37 -27.05 28.35
N GLU A 227 13.39 -28.29 28.82
CA GLU A 227 12.18 -28.95 29.29
C GLU A 227 11.57 -28.11 30.43
N ASP A 228 12.42 -27.61 31.31
CA ASP A 228 11.95 -26.74 32.39
C ASP A 228 11.54 -25.35 31.91
N ARG A 229 12.28 -24.76 30.97
CA ARG A 229 11.89 -23.46 30.44
C ARG A 229 10.48 -23.50 29.80
N LEU A 230 10.22 -24.57 29.08
CA LEU A 230 8.97 -24.74 28.33
C LEU A 230 7.84 -25.33 29.19
N SER A 231 8.09 -25.53 30.48
CA SER A 231 6.99 -25.89 31.37
C SER A 231 6.10 -24.68 31.71
N THR A 232 6.64 -23.45 31.63
CA THR A 232 5.84 -22.28 31.95
C THR A 232 5.62 -21.29 30.78
N ARG A 233 6.18 -21.56 29.61
CA ARG A 233 6.08 -20.72 28.45
C ARG A 233 5.61 -21.62 27.31
N ARG A 234 4.71 -21.15 26.46
CA ARG A 234 4.28 -21.99 25.36
C ARG A 234 5.43 -22.28 24.35
N TYR A 235 6.16 -21.24 23.97
CA TYR A 235 7.31 -21.35 23.09
C TYR A 235 8.51 -20.76 23.83
N LEU A 236 9.69 -20.80 23.22
CA LEU A 236 10.93 -20.42 23.95
C LEU A 236 10.90 -19.03 24.54
N GLY A 238 7.96 -17.20 25.01
CA GLY A 238 6.65 -16.84 25.55
C GLY A 238 5.48 -17.31 24.70
N ASP A 239 4.56 -16.39 24.43
CA ASP A 239 3.26 -16.77 23.88
C ASP A 239 3.27 -17.13 22.40
N HIS A 240 4.24 -16.61 21.64
CA HIS A 240 4.27 -16.79 20.19
C HIS A 240 5.61 -17.31 19.66
N ILE A 241 5.56 -17.93 18.49
CA ILE A 241 6.74 -18.46 17.82
C ILE A 241 7.69 -17.32 17.43
N THR A 242 8.98 -17.54 17.69
CA THR A 242 10.05 -16.63 17.29
C THR A 242 11.20 -17.37 16.59
N GLU A 243 12.14 -16.59 16.07
CA GLU A 243 13.39 -17.11 15.56
C GLU A 243 14.04 -18.20 16.41
N ALA A 244 14.02 -18.03 17.74
CA ALA A 244 14.55 -19.05 18.66
C ALA A 244 13.97 -20.46 18.45
N ASP A 245 12.66 -20.53 18.22
CA ASP A 245 11.97 -21.81 17.97
C ASP A 245 12.38 -22.39 16.61
N ILE A 246 12.59 -21.50 15.63
CA ILE A 246 13.02 -21.93 14.32
C ILE A 246 14.45 -22.51 14.33
N ARG A 247 15.28 -22.06 15.28
CA ARG A 247 16.61 -22.60 15.47
C ARG A 247 16.62 -23.88 16.32
N LEU A 248 15.63 -24.08 17.17
CA LEU A 248 15.58 -25.31 17.99
C LEU A 248 14.87 -26.48 17.25
N TYR A 249 13.77 -26.20 16.58
CA TYR A 249 12.97 -27.20 15.90
C TYR A 249 13.75 -28.17 15.03
N PRO A 250 14.69 -27.68 14.20
CA PRO A 250 15.37 -28.61 13.31
C PRO A 250 16.17 -29.70 14.04
N THR A 251 16.69 -29.40 15.23
CA THR A 251 17.36 -30.40 16.05
C THR A 251 16.34 -31.39 16.65
N LEU A 252 15.28 -30.87 17.23
CA LEU A 252 14.28 -31.72 17.91
C LEU A 252 13.55 -32.66 16.94
N VAL A 253 13.24 -32.16 15.74
CA VAL A 253 12.51 -32.95 14.76
C VAL A 253 13.33 -34.09 14.14
N ARG A 254 14.65 -34.01 14.25
CA ARG A 254 15.55 -35.03 13.79
C ARG A 254 16.02 -35.93 14.95
N PHE A 255 15.59 -35.63 16.15
CA PHE A 255 16.15 -36.31 17.31
C PHE A 255 15.80 -37.79 17.44
N ASP A 256 14.53 -38.12 17.59
CA ASP A 256 14.16 -39.52 17.71
C ASP A 256 14.50 -40.28 16.43
N ALA A 257 14.32 -39.63 15.28
CA ALA A 257 14.57 -40.27 13.99
C ALA A 257 16.05 -40.62 13.71
N VAL A 258 16.97 -39.79 14.20
CA VAL A 258 18.40 -39.93 13.85
C VAL A 258 19.33 -39.79 15.04
N TYR A 259 19.29 -38.67 15.72
CA TYR A 259 20.32 -38.38 16.74
C TYR A 259 20.28 -39.35 17.91
N HIS A 260 19.09 -39.76 18.29
CA HIS A 260 18.89 -40.70 19.41
C HIS A 260 19.76 -41.95 19.28
N GLY A 261 19.69 -42.63 18.12
CA GLY A 261 20.48 -43.84 17.86
C GLY A 261 21.80 -43.59 17.11
N HIS A 262 21.70 -43.06 15.90
CA HIS A 262 22.87 -42.81 15.03
C HIS A 262 23.98 -42.03 15.73
N PHE A 263 23.62 -40.96 16.45
CA PHE A 263 24.59 -40.14 17.21
C PHE A 263 24.68 -40.50 18.70
N LYS A 264 24.03 -41.60 19.09
CA LYS A 264 24.11 -42.13 20.46
C LYS A 264 23.70 -41.11 21.52
N CYS A 265 22.76 -40.22 21.18
CA CYS A 265 22.35 -39.15 22.10
C CYS A 265 21.22 -39.61 23.07
N GLY A 266 20.71 -40.81 22.85
CA GLY A 266 19.51 -41.30 23.56
C GLY A 266 19.52 -41.61 25.04
N ARG A 267 19.60 -40.59 25.91
CA ARG A 267 19.24 -40.80 27.32
C ARG A 267 17.76 -41.18 27.40
N ASN A 268 16.97 -40.51 26.59
CA ASN A 268 15.54 -40.62 26.53
C ASN A 268 15.16 -40.24 25.13
N LYS A 269 13.97 -40.66 24.68
CA LYS A 269 13.42 -40.15 23.43
C LYS A 269 12.74 -38.80 23.77
N ILE A 270 12.61 -37.93 22.78
CA ILE A 270 11.85 -36.70 23.00
C ILE A 270 10.42 -37.03 23.39
N THR A 271 9.85 -38.12 22.86
CA THR A 271 8.49 -38.57 23.26
C THR A 271 8.36 -38.78 24.75
N GLU A 272 9.47 -38.98 25.47
CA GLU A 272 9.42 -39.15 26.94
C GLU A 272 9.67 -37.87 27.75
N PRO A 274 7.95 -34.53 28.47
CA PRO A 274 6.59 -34.11 28.14
C PRO A 274 6.48 -32.70 27.56
N ASN A 275 7.16 -31.72 28.15
CA ASN A 275 7.09 -30.36 27.58
C ASN A 275 7.73 -30.25 26.20
N LEU A 276 8.92 -30.83 26.02
CA LEU A 276 9.55 -30.79 24.69
C LEU A 276 8.70 -31.48 23.66
N TRP A 277 8.08 -32.60 24.03
CA TRP A 277 7.29 -33.36 23.06
C TRP A 277 5.99 -32.64 22.65
N GLY A 278 5.30 -32.04 23.61
CA GLY A 278 4.16 -31.16 23.34
C GLY A 278 4.56 -30.00 22.44
N TYR A 279 5.65 -29.33 22.79
CA TYR A 279 6.23 -28.23 21.98
C TYR A 279 6.58 -28.66 20.56
N LEU A 280 7.28 -29.77 20.43
CA LEU A 280 7.64 -30.29 19.12
C LEU A 280 6.45 -30.57 18.24
N ARG A 281 5.41 -31.18 18.81
CA ARG A 281 4.21 -31.46 18.03
C ARG A 281 3.48 -30.16 17.59
N ASP A 282 3.38 -29.21 18.52
CA ASP A 282 2.74 -27.88 18.31
C ASP A 282 3.43 -27.18 17.13
N LEU A 283 4.74 -27.15 17.12
CA LEU A 283 5.50 -26.57 16.01
C LEU A 283 5.33 -27.38 14.72
N PHE A 284 5.47 -28.69 14.80
CA PHE A 284 5.35 -29.55 13.62
C PHE A 284 4.04 -29.30 12.90
N GLN A 285 2.98 -29.17 13.66
CA GLN A 285 1.63 -28.98 13.12
C GLN A 285 1.35 -27.57 12.62
N THR A 286 2.35 -26.69 12.71
CA THR A 286 2.21 -25.29 12.25
C THR A 286 2.76 -25.17 10.82
N PRO A 287 2.09 -24.38 9.97
CA PRO A 287 2.62 -24.13 8.63
C PRO A 287 4.07 -23.69 8.64
N GLY A 288 4.83 -24.15 7.65
CA GLY A 288 6.25 -23.84 7.56
C GLY A 288 7.16 -24.90 8.18
N PHE A 289 6.63 -25.62 9.15
CA PHE A 289 7.43 -26.54 9.96
C PHE A 289 7.28 -27.99 9.38
N GLY A 290 6.18 -28.66 9.69
CA GLY A 290 5.98 -30.03 9.23
C GLY A 290 5.95 -30.17 7.72
N ASP A 291 5.46 -29.14 7.04
CA ASP A 291 5.32 -29.21 5.59
C ASP A 291 6.63 -28.89 4.87
N THR A 292 7.71 -28.66 5.61
CA THR A 292 9.04 -28.61 5.04
C THR A 292 9.95 -29.76 5.58
N THR A 293 9.35 -30.71 6.33
CA THR A 293 10.10 -31.77 7.01
C THR A 293 9.91 -33.08 6.25
N ASP A 294 10.98 -33.56 5.64
CA ASP A 294 10.97 -34.83 4.89
C ASP A 294 11.76 -35.87 5.68
N PHE A 295 11.03 -36.73 6.40
CA PHE A 295 11.67 -37.68 7.31
C PHE A 295 12.50 -38.73 6.57
N THR A 296 12.09 -39.10 5.37
CA THR A 296 12.85 -40.05 4.55
C THR A 296 14.20 -39.50 4.15
N GLU A 297 14.24 -38.25 3.67
CA GLU A 297 15.51 -37.68 3.25
C GLU A 297 16.38 -37.40 4.44
N ILE A 298 15.81 -37.00 5.54
CA ILE A 298 16.59 -36.83 6.79
C ILE A 298 17.29 -38.17 7.15
N LYS A 299 16.52 -39.25 7.30
CA LYS A 299 17.09 -40.55 7.74
C LYS A 299 18.05 -41.15 6.73
N GLN A 300 17.70 -41.07 5.45
CA GLN A 300 18.60 -41.58 4.42
C GLN A 300 19.95 -40.85 4.43
N HIS A 301 19.93 -39.54 4.62
CA HIS A 301 21.18 -38.80 4.56
C HIS A 301 22.13 -39.25 5.67
N TYR A 302 21.63 -39.29 6.88
CA TYR A 302 22.51 -39.54 8.01
C TYR A 302 22.99 -40.99 8.00
N TYR A 303 22.05 -41.91 7.86
CA TYR A 303 22.33 -43.35 8.03
C TYR A 303 23.09 -43.93 6.85
N ILE A 304 22.90 -43.37 5.65
CA ILE A 304 23.60 -43.89 4.45
C ILE A 304 24.95 -43.19 4.24
N THR A 305 24.95 -41.88 4.40
CA THR A 305 26.14 -41.05 4.16
C THR A 305 27.25 -41.17 5.19
N HIS A 306 26.91 -41.39 6.45
CA HIS A 306 27.92 -41.40 7.51
C HIS A 306 28.43 -42.83 7.71
N ALA A 307 29.15 -43.30 6.70
CA ALA A 307 29.66 -44.65 6.65
C ALA A 307 30.74 -44.92 7.70
N GLU A 308 31.43 -43.89 8.16
CA GLU A 308 32.38 -44.04 9.26
C GLU A 308 31.70 -44.37 10.61
N ILE A 309 30.43 -44.00 10.78
CA ILE A 309 29.64 -44.33 11.97
C ILE A 309 28.75 -45.59 11.77
N ASN A 310 28.17 -45.71 10.57
CA ASN A 310 27.22 -46.77 10.18
C ASN A 310 27.64 -47.47 8.88
N PRO A 311 28.68 -48.33 8.93
CA PRO A 311 29.21 -48.90 7.70
C PRO A 311 28.24 -49.76 6.92
N THR A 312 27.23 -50.34 7.56
CA THR A 312 26.29 -51.18 6.81
C THR A 312 25.43 -50.29 5.91
N ARG A 313 25.36 -49.00 6.24
CA ARG A 313 24.48 -48.07 5.52
C ARG A 313 22.98 -48.42 5.52
N ILE A 314 22.53 -49.20 6.52
CA ILE A 314 21.13 -49.55 6.64
C ILE A 314 20.41 -48.43 7.34
N VAL A 315 19.20 -48.12 6.88
CA VAL A 315 18.35 -47.13 7.49
C VAL A 315 17.27 -47.85 8.33
N PRO A 316 17.22 -47.59 9.65
CA PRO A 316 16.20 -48.26 10.44
C PRO A 316 14.79 -47.93 9.95
N VAL A 317 13.88 -48.89 10.05
CA VAL A 317 12.48 -48.64 9.70
C VAL A 317 11.87 -47.65 10.70
N GLY A 318 12.26 -47.76 11.98
CA GLY A 318 11.72 -46.89 12.99
C GLY A 318 12.44 -45.57 13.10
N PRO A 319 11.99 -44.73 14.04
CA PRO A 319 10.88 -44.92 14.95
C PRO A 319 9.52 -44.74 14.28
N ASP A 320 8.49 -45.18 14.97
CA ASP A 320 7.13 -44.82 14.57
C ASP A 320 6.95 -43.30 14.75
N LEU A 321 6.59 -42.62 13.68
CA LEU A 321 6.48 -41.15 13.69
C LEU A 321 5.05 -40.64 13.84
N SER A 322 4.10 -41.56 13.98
CA SER A 322 2.70 -41.21 13.89
C SER A 322 2.30 -40.23 15.02
N GLY A 323 3.04 -40.22 16.13
CA GLY A 323 2.79 -39.30 17.22
C GLY A 323 2.86 -37.82 16.91
N PHE A 324 3.62 -37.45 15.86
CA PHE A 324 3.80 -36.06 15.47
C PHE A 324 2.46 -35.36 15.17
N ALA A 325 1.46 -36.13 14.80
CA ALA A 325 0.14 -35.64 14.41
C ALA A 325 -0.89 -35.64 15.54
N THR A 326 -0.52 -36.07 16.75
CA THR A 326 -1.48 -36.22 17.81
C THR A 326 -1.67 -34.88 18.56
N PRO A 327 -2.81 -34.72 19.26
CA PRO A 327 -3.04 -33.47 20.04
C PRO A 327 -1.91 -33.21 21.04
N HIS A 328 -1.39 -31.99 21.05
CA HIS A 328 -0.19 -31.66 21.80
C HIS A 328 -0.44 -31.14 23.22
N GLY A 329 -1.65 -30.73 23.53
CA GLY A 329 -1.95 -30.18 24.85
C GLY A 329 -1.32 -28.84 25.30
N ARG A 330 -0.67 -28.12 24.39
CA ARG A 330 0.04 -26.89 24.77
C ARG A 330 -0.85 -25.63 24.89
N GLU A 331 -2.09 -25.70 24.42
CA GLU A 331 -3.07 -24.60 24.57
C GLU A 331 -3.29 -24.24 26.04
N LYS A 332 -3.10 -25.18 26.95
CA LYS A 332 -3.21 -24.89 28.40
C LYS A 332 -2.22 -23.81 28.85
N LEU A 333 -1.10 -23.62 28.15
CA LEU A 333 -0.17 -22.53 28.48
C LEU A 333 -0.55 -21.17 27.87
N GLY A 334 -1.69 -21.08 27.20
CA GLY A 334 -2.13 -19.84 26.56
C GLY A 334 -1.38 -19.61 25.27
N GLY A 335 -1.45 -18.38 24.78
CA GLY A 335 -0.72 -17.98 23.60
C GLY A 335 -1.24 -18.64 22.34
N SER A 336 -0.43 -18.61 21.29
CA SER A 336 -0.85 -19.13 19.99
CA SER A 336 -0.87 -19.06 19.97
C SER A 336 0.35 -19.03 19.06
N PRO A 337 0.39 -19.89 18.03
CA PRO A 337 1.60 -19.84 17.20
C PRO A 337 1.97 -18.42 16.71
N PHE A 338 0.96 -17.67 16.27
CA PHE A 338 1.15 -16.32 15.78
C PHE A 338 0.27 -15.29 16.51
N ALA A 339 0.71 -14.04 16.52
CA ALA A 339 -0.11 -12.96 17.12
C ALA A 339 -1.44 -12.81 16.37
N GLU A 340 -2.40 -12.18 17.02
CA GLU A 340 -3.69 -11.94 16.38
CA GLU A 340 -3.71 -11.84 16.44
C GLU A 340 -3.51 -11.08 15.13
N GLY A 341 -4.29 -11.44 14.10
CA GLY A 341 -4.24 -10.76 12.81
C GLY A 341 -3.12 -11.24 11.88
N VAL A 342 -2.22 -12.10 12.34
CA VAL A 342 -1.19 -12.61 11.44
C VAL A 342 -1.82 -13.53 10.38
N THR A 343 -1.41 -13.44 9.12
CA THR A 343 -1.93 -14.35 8.09
C THR A 343 -1.04 -15.60 7.98
N LEU A 344 -1.65 -16.68 7.52
CA LEU A 344 -0.96 -17.98 7.35
C LEU A 344 -0.33 -18.06 5.96
N PRO A 345 0.73 -18.86 5.79
CA PRO A 345 1.33 -19.01 4.47
C PRO A 345 0.35 -19.52 3.43
N GLY A 346 0.50 -19.10 2.19
CA GLY A 346 -0.33 -19.62 1.10
C GLY A 346 0.15 -21.00 0.68
N PRO A 347 -0.54 -21.61 -0.30
CA PRO A 347 -0.20 -22.96 -0.75
C PRO A 347 1.29 -23.11 -1.11
N ILE A 348 1.91 -24.23 -0.70
CA ILE A 348 3.35 -24.41 -0.91
C ILE A 348 3.63 -24.49 -2.44
N PRO A 349 4.69 -23.83 -2.94
CA PRO A 349 4.80 -23.84 -4.41
C PRO A 349 5.05 -25.22 -5.03
N ALA A 350 4.60 -25.39 -6.26
CA ALA A 350 4.70 -26.65 -6.98
C ALA A 350 6.16 -27.01 -7.07
N GLY A 351 6.53 -28.21 -6.67
CA GLY A 351 7.93 -28.60 -6.67
C GLY A 351 8.62 -28.42 -5.31
N GLU A 352 8.02 -27.65 -4.41
CA GLU A 352 8.65 -27.42 -3.11
C GLU A 352 7.99 -28.23 -2.00
N GLU A 353 6.96 -29.01 -2.31
CA GLU A 353 6.32 -29.88 -1.30
C GLU A 353 7.22 -31.05 -0.87
N VAL A 354 6.96 -31.60 0.30
CA VAL A 354 7.71 -32.75 0.80
C VAL A 354 7.46 -33.92 -0.16
N LYS A 355 8.53 -34.48 -0.69
CA LYS A 355 8.47 -35.53 -1.70
C LYS A 355 8.10 -36.87 -1.07
N ASN A 356 8.49 -37.08 0.18
CA ASN A 356 8.18 -38.35 0.88
C ASN A 356 7.28 -38.15 2.12
N PRO A 357 6.02 -37.74 1.89
CA PRO A 357 5.17 -37.42 3.01
C PRO A 357 4.80 -38.68 3.82
N GLU A 358 4.77 -38.58 5.14
CA GLU A 358 4.17 -39.61 5.98
C GLU A 358 2.66 -39.59 5.78
N PRO A 359 1.93 -40.65 6.25
CA PRO A 359 0.47 -40.64 5.98
C PRO A 359 -0.21 -39.42 6.63
N PHE A 360 0.38 -38.86 7.69
CA PHE A 360 -0.24 -37.71 8.36
C PHE A 360 0.19 -36.34 7.79
N GLN A 361 1.02 -36.30 6.76
CA GLN A 361 1.47 -35.04 6.15
C GLN A 361 0.68 -34.70 4.87
N ASN B 29 -40.52 20.98 5.94
CA ASN B 29 -41.44 20.42 4.90
C ASN B 29 -41.14 18.92 4.58
N TYR B 30 -40.90 18.12 5.61
CA TYR B 30 -40.86 16.65 5.49
C TYR B 30 -42.29 16.13 5.33
N ILE B 31 -42.54 15.33 4.28
CA ILE B 31 -43.88 14.93 3.90
C ILE B 31 -43.87 13.46 3.63
N ASP B 32 -44.64 12.69 4.40
CA ASP B 32 -44.55 11.24 4.37
C ASP B 32 -45.88 10.53 4.14
N ASP B 33 -46.74 11.10 3.30
CA ASP B 33 -47.88 10.34 2.78
C ASP B 33 -47.27 9.20 1.92
N ARG B 34 -48.07 8.20 1.62
CA ARG B 34 -47.67 7.11 0.77
C ARG B 34 -48.68 6.85 -0.36
N ILE B 35 -48.21 6.24 -1.45
CA ILE B 35 -49.06 5.79 -2.54
C ILE B 35 -49.13 4.26 -2.47
N VAL B 36 -50.34 3.72 -2.32
CA VAL B 36 -50.50 2.30 -1.99
C VAL B 36 -51.54 1.63 -2.87
N ALA B 37 -51.43 0.30 -2.97
CA ALA B 37 -52.30 -0.49 -3.84
C ALA B 37 -53.70 -0.66 -3.24
N ASP B 38 -53.86 -0.53 -1.92
CA ASP B 38 -55.15 -0.82 -1.29
C ASP B 38 -56.10 0.39 -1.20
N VAL B 39 -55.73 1.52 -1.82
CA VAL B 39 -56.63 2.65 -2.07
C VAL B 39 -56.85 2.67 -3.58
N PRO B 40 -58.12 2.63 -4.03
CA PRO B 40 -58.39 2.45 -5.48
C PRO B 40 -58.18 3.71 -6.33
N ALA B 41 -57.84 3.49 -7.60
CA ALA B 41 -57.65 4.55 -8.59
C ALA B 41 -58.82 5.53 -8.62
N GLY B 42 -58.51 6.82 -8.72
CA GLY B 42 -59.56 7.86 -8.69
C GLY B 42 -59.85 8.42 -7.32
N SER B 43 -59.46 7.69 -6.27
CA SER B 43 -59.80 8.09 -4.91
C SER B 43 -59.07 9.38 -4.48
N GLU B 44 -59.73 10.10 -3.60
CA GLU B 44 -59.13 11.12 -2.78
C GLU B 44 -58.14 10.47 -1.82
N PRO B 45 -57.14 11.21 -1.36
CA PRO B 45 -56.26 10.66 -0.32
C PRO B 45 -57.05 10.35 0.97
N ILE B 46 -56.75 9.22 1.58
CA ILE B 46 -57.46 8.70 2.75
C ILE B 46 -56.60 8.88 4.02
N ALA B 47 -57.17 9.57 5.01
CA ALA B 47 -56.52 9.84 6.28
C ALA B 47 -56.22 8.54 7.00
N GLN B 48 -55.01 8.41 7.52
CA GLN B 48 -54.62 7.28 8.35
C GLN B 48 -54.55 7.63 9.83
N GLU B 49 -54.52 6.60 10.66
CA GLU B 49 -54.45 6.77 12.11
C GLU B 49 -53.19 7.47 12.55
N ASP B 50 -52.11 7.34 11.81
CA ASP B 50 -50.89 8.02 12.19
C ASP B 50 -50.79 9.52 11.84
N GLY B 51 -51.89 10.07 11.32
CA GLY B 51 -51.91 11.44 10.83
C GLY B 51 -51.50 11.65 9.36
N THR B 52 -51.00 10.63 8.69
CA THR B 52 -50.65 10.77 7.26
C THR B 52 -51.84 10.41 6.38
N PHE B 53 -51.65 10.53 5.06
CA PHE B 53 -52.67 10.13 4.10
C PHE B 53 -52.12 9.09 3.11
N HIS B 54 -52.97 8.17 2.69
CA HIS B 54 -52.65 7.23 1.64
C HIS B 54 -53.38 7.59 0.35
N TRP B 55 -52.62 7.68 -0.73
CA TRP B 55 -53.09 7.98 -2.07
C TRP B 55 -53.08 6.69 -2.89
N PRO B 56 -53.90 6.60 -3.96
CA PRO B 56 -53.97 5.37 -4.75
C PRO B 56 -52.86 5.25 -5.79
N VAL B 57 -52.32 4.03 -5.93
CA VAL B 57 -51.48 3.68 -7.07
C VAL B 57 -52.35 3.81 -8.34
N GLU B 58 -51.86 4.56 -9.31
CA GLU B 58 -52.64 4.97 -10.47
C GLU B 58 -51.68 5.50 -11.54
N ALA B 59 -51.94 5.14 -12.81
CA ALA B 59 -51.15 5.65 -13.95
C ALA B 59 -51.55 7.07 -14.30
N GLY B 60 -50.59 7.87 -14.75
CA GLY B 60 -50.87 9.22 -15.29
C GLY B 60 -51.25 10.27 -14.25
N ARG B 61 -51.03 10.01 -12.96
CA ARG B 61 -51.43 10.95 -11.90
C ARG B 61 -50.25 11.63 -11.24
N TYR B 62 -49.15 10.87 -11.10
CA TYR B 62 -47.99 11.33 -10.36
C TYR B 62 -46.74 11.51 -11.22
N ARG B 63 -45.87 12.41 -10.74
CA ARG B 63 -44.62 12.77 -11.34
C ARG B 63 -43.50 12.62 -10.31
N LEU B 64 -42.41 11.94 -10.69
CA LEU B 64 -41.23 11.85 -9.86
C LEU B 64 -40.34 13.02 -10.22
N VAL B 65 -40.08 13.88 -9.24
CA VAL B 65 -39.22 15.02 -9.43
C VAL B 65 -37.87 14.65 -8.80
N ALA B 66 -36.81 14.77 -9.58
CA ALA B 66 -35.48 14.29 -9.22
C ALA B 66 -34.43 15.27 -9.74
N ALA B 67 -33.21 15.13 -9.30
CA ALA B 67 -32.08 15.89 -9.83
C ALA B 67 -31.02 14.86 -10.15
N ARG B 68 -30.35 15.00 -11.30
CA ARG B 68 -29.26 14.09 -11.67
C ARG B 68 -28.15 14.07 -10.64
N ALA B 69 -27.82 15.23 -10.09
CA ALA B 69 -26.68 15.33 -9.15
C ALA B 69 -26.92 14.65 -7.80
N CYS B 70 -28.18 14.53 -7.40
CA CYS B 70 -28.51 14.14 -6.01
C CYS B 70 -28.52 12.61 -5.85
N PRO B 71 -27.70 12.06 -4.93
CA PRO B 71 -27.67 10.59 -4.83
C PRO B 71 -28.98 9.97 -4.29
N TRP B 72 -29.67 10.69 -3.41
CA TRP B 72 -30.94 10.22 -2.86
C TRP B 72 -31.98 10.12 -3.97
N ALA B 73 -32.06 11.14 -4.82
CA ALA B 73 -32.96 11.11 -5.97
C ALA B 73 -32.57 10.03 -7.00
N HIS B 74 -31.28 9.84 -7.18
CA HIS B 74 -30.79 8.83 -8.09
C HIS B 74 -31.37 7.43 -7.79
N ARG B 75 -31.50 7.08 -6.50
CA ARG B 75 -32.10 5.82 -6.11
C ARG B 75 -33.45 5.63 -6.77
N THR B 76 -34.25 6.70 -6.77
CA THR B 76 -35.63 6.61 -7.24
C THR B 76 -35.65 6.50 -8.76
N VAL B 77 -34.71 7.14 -9.45
CA VAL B 77 -34.71 7.13 -10.91
C VAL B 77 -34.27 5.71 -11.40
N ILE B 78 -33.28 5.15 -10.72
CA ILE B 78 -32.77 3.81 -11.02
C ILE B 78 -33.91 2.80 -10.84
N THR B 79 -34.63 2.91 -9.72
CA THR B 79 -35.71 1.96 -9.41
C THR B 79 -36.86 2.06 -10.42
N ARG B 80 -37.27 3.28 -10.73
CA ARG B 80 -38.32 3.49 -11.70
C ARG B 80 -37.99 2.86 -13.05
N ARG B 81 -36.73 3.01 -13.47
CA ARG B 81 -36.26 2.41 -14.71
C ARG B 81 -36.21 0.88 -14.63
N LEU B 82 -35.61 0.34 -13.59
CA LEU B 82 -35.50 -1.12 -13.45
C LEU B 82 -36.87 -1.82 -13.50
N LEU B 83 -37.86 -1.22 -12.85
CA LEU B 83 -39.16 -1.86 -12.68
C LEU B 83 -40.09 -1.60 -13.86
N GLY B 84 -39.72 -0.71 -14.76
CA GLY B 84 -40.58 -0.35 -15.90
C GLY B 84 -41.79 0.53 -15.55
N LEU B 85 -41.56 1.51 -14.67
CA LEU B 85 -42.63 2.42 -14.25
C LEU B 85 -42.53 3.76 -14.99
N GLU B 86 -41.64 3.85 -15.99
CA GLU B 86 -41.45 5.13 -16.72
C GLU B 86 -42.70 5.59 -17.50
N ASN B 87 -43.56 4.65 -17.87
CA ASN B 87 -44.78 4.95 -18.63
C ASN B 87 -46.01 5.24 -17.77
N VAL B 88 -45.91 5.11 -16.44
CA VAL B 88 -47.05 5.37 -15.59
C VAL B 88 -46.80 6.48 -14.56
N ILE B 89 -45.53 6.78 -14.29
CA ILE B 89 -45.10 7.92 -13.49
C ILE B 89 -44.16 8.76 -14.35
N SER B 90 -44.47 10.04 -14.55
CA SER B 90 -43.60 10.91 -15.37
C SER B 90 -42.40 11.37 -14.58
N LEU B 91 -41.49 12.05 -15.25
CA LEU B 91 -40.21 12.46 -14.67
C LEU B 91 -39.95 13.95 -14.89
N GLY B 92 -39.69 14.68 -13.81
CA GLY B 92 -39.23 16.07 -13.88
C GLY B 92 -37.81 16.19 -13.30
N LEU B 93 -36.90 16.82 -14.03
CA LEU B 93 -35.51 16.98 -13.60
C LEU B 93 -35.18 18.42 -13.23
N THR B 94 -34.89 18.67 -11.94
CA THR B 94 -34.58 20.02 -11.36
C THR B 94 -33.27 19.93 -10.53
N GLY B 95 -33.02 20.85 -9.58
CA GLY B 95 -31.78 20.87 -8.76
C GLY B 95 -31.84 20.18 -7.38
N PRO B 96 -30.66 19.80 -6.82
CA PRO B 96 -30.68 19.11 -5.50
C PRO B 96 -31.09 19.99 -4.32
N THR B 97 -31.35 19.35 -3.17
CA THR B 97 -31.76 20.06 -1.95
C THR B 97 -31.07 19.53 -0.68
N HIS B 98 -31.02 18.21 -0.50
CA HIS B 98 -30.25 17.60 0.59
C HIS B 98 -28.72 17.80 0.33
N ASP B 99 -28.13 18.79 1.01
CA ASP B 99 -26.69 19.20 0.90
C ASP B 99 -26.57 20.73 0.86
N ILE B 136 -38.90 23.05 -3.98
CA ILE B 136 -39.23 21.82 -3.26
C ILE B 136 -38.01 20.86 -3.04
N THR B 137 -38.10 20.05 -1.98
CA THR B 137 -37.12 18.99 -1.70
C THR B 137 -37.17 17.85 -2.72
N VAL B 138 -36.00 17.36 -3.17
CA VAL B 138 -35.97 16.19 -4.04
C VAL B 138 -35.22 15.03 -3.39
N PRO B 139 -35.61 13.79 -3.76
CA PRO B 139 -36.69 13.49 -4.68
C PRO B 139 -38.09 13.65 -4.05
N ALA B 140 -39.09 13.82 -4.90
CA ALA B 140 -40.47 13.92 -4.47
C ALA B 140 -41.39 13.29 -5.49
N LEU B 141 -42.50 12.72 -5.03
CA LEU B 141 -43.61 12.37 -5.90
C LEU B 141 -44.65 13.47 -5.72
N VAL B 142 -45.05 14.04 -6.85
CA VAL B 142 -45.95 15.18 -6.92
C VAL B 142 -47.20 14.77 -7.72
N GLU B 143 -48.39 15.17 -7.28
CA GLU B 143 -49.59 14.97 -8.09
C GLU B 143 -49.55 16.00 -9.25
N GLU B 144 -49.54 15.53 -10.50
CA GLU B 144 -49.35 16.45 -11.64
C GLU B 144 -50.41 17.54 -11.75
N SER B 145 -51.67 17.21 -11.49
CA SER B 145 -52.77 18.17 -11.70
C SER B 145 -52.77 19.33 -10.68
N SER B 146 -52.54 19.01 -9.42
CA SER B 146 -52.58 19.99 -8.32
C SER B 146 -51.19 20.54 -7.97
N LYS B 147 -50.13 19.90 -8.50
CA LYS B 147 -48.77 20.14 -8.04
C LYS B 147 -48.55 19.92 -6.52
N LYS B 148 -49.44 19.21 -5.83
CA LYS B 148 -49.20 18.87 -4.44
C LYS B 148 -48.08 17.83 -4.28
N VAL B 149 -47.18 18.05 -3.33
CA VAL B 149 -46.16 17.05 -3.01
C VAL B 149 -46.82 15.96 -2.21
N VAL B 150 -46.80 14.73 -2.70
CA VAL B 150 -47.38 13.59 -1.99
C VAL B 150 -46.40 13.04 -0.98
N THR B 151 -45.15 12.87 -1.39
CA THR B 151 -44.10 12.40 -0.50
C THR B 151 -42.72 12.89 -0.93
N ASN B 152 -41.87 13.17 0.04
CA ASN B 152 -40.43 13.29 -0.20
C ASN B 152 -39.63 12.38 0.76
N ASP B 153 -40.29 11.35 1.25
CA ASP B 153 -39.64 10.38 2.12
C ASP B 153 -38.95 9.30 1.26
N TYR B 154 -37.69 9.56 0.88
CA TYR B 154 -37.06 8.81 -0.19
C TYR B 154 -36.90 7.31 0.12
N PRO B 155 -36.68 6.91 1.40
CA PRO B 155 -36.59 5.46 1.64
C PRO B 155 -37.92 4.73 1.32
N SER B 156 -39.05 5.35 1.63
CA SER B 156 -40.33 4.72 1.40
CA SER B 156 -40.36 4.74 1.41
C SER B 156 -40.71 4.73 -0.09
N ILE B 157 -40.16 5.69 -0.84
CA ILE B 157 -40.49 5.81 -2.25
C ILE B 157 -39.97 4.56 -3.00
N THR B 158 -38.70 4.20 -2.78
CA THR B 158 -38.16 3.03 -3.49
C THR B 158 -38.82 1.75 -3.02
N ILE B 159 -39.05 1.58 -1.71
CA ILE B 159 -39.75 0.38 -1.20
C ILE B 159 -41.14 0.28 -1.79
N ASP B 160 -41.88 1.40 -1.80
CA ASP B 160 -43.23 1.36 -2.32
C ASP B 160 -43.28 1.14 -3.85
N PHE B 161 -42.32 1.69 -4.58
CA PHE B 161 -42.22 1.36 -6.03
C PHE B 161 -42.15 -0.16 -6.20
N ASN B 162 -41.35 -0.83 -5.37
CA ASN B 162 -41.22 -2.28 -5.45
C ASN B 162 -42.46 -3.04 -4.99
N LEU B 163 -43.09 -2.59 -3.90
CA LEU B 163 -44.15 -3.38 -3.27
C LEU B 163 -45.56 -2.90 -3.60
N GLU B 164 -45.80 -1.60 -3.81
CA GLU B 164 -47.18 -1.11 -4.03
C GLU B 164 -47.53 -1.00 -5.49
N TRP B 165 -46.52 -0.79 -6.33
CA TRP B 165 -46.71 -0.55 -7.77
C TRP B 165 -46.59 -1.80 -8.64
N LYS B 166 -46.59 -2.99 -8.03
CA LYS B 166 -46.47 -4.25 -8.78
C LYS B 166 -47.40 -4.35 -9.99
N GLN B 167 -48.64 -3.91 -9.87
CA GLN B 167 -49.56 -4.05 -10.99
C GLN B 167 -49.07 -3.36 -12.23
N PHE B 168 -48.17 -2.39 -12.10
CA PHE B 168 -47.69 -1.66 -13.27
C PHE B 168 -46.24 -1.97 -13.61
N HIS B 169 -45.62 -2.89 -12.88
CA HIS B 169 -44.26 -3.31 -13.21
C HIS B 169 -44.24 -3.90 -14.63
N ARG B 170 -43.15 -3.72 -15.35
CA ARG B 170 -42.93 -4.46 -16.60
C ARG B 170 -43.08 -5.96 -16.31
N GLU B 171 -43.69 -6.70 -17.23
CA GLU B 171 -43.80 -8.14 -17.06
C GLU B 171 -42.38 -8.71 -16.99
N GLY B 172 -42.13 -9.50 -15.96
CA GLY B 172 -40.83 -10.08 -15.72
C GLY B 172 -39.86 -9.15 -15.00
N ALA B 173 -40.36 -8.04 -14.45
CA ALA B 173 -39.50 -7.15 -13.68
C ALA B 173 -38.79 -7.86 -12.53
N PRO B 174 -37.62 -7.39 -12.14
CA PRO B 174 -36.97 -8.03 -11.00
C PRO B 174 -37.66 -7.75 -9.65
N ASN B 175 -37.52 -8.73 -8.75
CA ASN B 175 -37.87 -8.59 -7.34
C ASN B 175 -36.65 -8.06 -6.61
N LEU B 176 -36.64 -6.76 -6.41
CA LEU B 176 -35.48 -6.08 -5.82
C LEU B 176 -35.52 -6.08 -4.29
N TYR B 177 -36.63 -6.49 -3.69
CA TYR B 177 -36.79 -6.43 -2.22
C TYR B 177 -37.48 -7.72 -1.77
N PRO B 178 -36.81 -8.88 -1.97
CA PRO B 178 -37.45 -10.15 -1.70
C PRO B 178 -37.70 -10.42 -0.22
N ALA B 179 -38.89 -10.92 0.08
CA ALA B 179 -39.34 -11.15 1.46
C ALA B 179 -38.28 -11.86 2.31
N GLU B 180 -37.66 -12.88 1.78
CA GLU B 180 -36.73 -13.70 2.55
CA GLU B 180 -36.74 -13.71 2.56
C GLU B 180 -35.41 -13.01 2.84
N LEU B 181 -35.15 -11.85 2.22
CA LEU B 181 -33.91 -11.10 2.47
C LEU B 181 -34.11 -9.82 3.30
N ARG B 182 -35.36 -9.41 3.55
CA ARG B 182 -35.63 -8.06 4.08
C ARG B 182 -35.06 -7.84 5.48
N GLU B 183 -35.13 -8.89 6.27
CA GLU B 183 -34.67 -8.82 7.64
C GLU B 183 -33.14 -8.68 7.71
N GLU B 184 -32.41 -9.47 6.93
CA GLU B 184 -30.96 -9.35 6.94
C GLU B 184 -30.57 -8.03 6.24
N ALA B 186 -31.98 -5.03 6.38
CA ALA B 186 -32.22 -3.79 7.12
C ALA B 186 -30.95 -3.24 7.81
N PRO B 187 -30.23 -4.07 8.56
CA PRO B 187 -29.02 -3.55 9.21
C PRO B 187 -27.89 -3.20 8.25
N VAL B 188 -27.74 -3.97 7.17
CA VAL B 188 -26.77 -3.67 6.12
C VAL B 188 -27.04 -2.29 5.55
N LYS B 190 -28.81 0.13 6.89
CA LYS B 190 -28.64 1.18 7.90
C LYS B 190 -27.15 1.50 8.06
N ARG B 191 -26.28 0.49 8.13
CA ARG B 191 -24.88 0.77 8.34
C ARG B 191 -24.30 1.59 7.17
N ILE B 192 -24.69 1.23 5.95
CA ILE B 192 -24.30 1.97 4.74
C ILE B 192 -24.84 3.40 4.79
N PHE B 193 -26.10 3.55 5.22
CA PHE B 193 -26.68 4.89 5.32
C PHE B 193 -25.88 5.79 6.27
N THR B 194 -25.68 5.39 7.52
CA THR B 194 -25.07 6.30 8.47
C THR B 194 -23.57 6.43 8.21
N GLU B 195 -22.90 5.36 7.80
CA GLU B 195 -21.42 5.38 7.69
C GLU B 195 -20.88 5.73 6.30
N VAL B 196 -21.70 5.54 5.26
CA VAL B 196 -21.22 5.77 3.89
C VAL B 196 -22.07 6.78 3.13
N ASN B 197 -23.36 6.54 2.93
CA ASN B 197 -24.23 7.52 2.24
C ASN B 197 -24.13 8.92 2.88
N ASN B 198 -24.30 8.97 4.20
CA ASN B 198 -24.11 10.20 4.95
C ASN B 198 -22.67 10.44 5.35
N GLY B 199 -21.87 9.36 5.40
CA GLY B 199 -20.48 9.43 5.85
C GLY B 199 -19.62 10.36 5.01
N VAL B 200 -19.83 10.37 3.70
CA VAL B 200 -19.06 11.25 2.81
C VAL B 200 -19.36 12.74 3.11
N TYR B 201 -20.63 13.06 3.38
CA TYR B 201 -21.07 14.39 3.73
C TYR B 201 -20.53 14.83 5.08
N ARG B 202 -20.53 13.93 6.05
CA ARG B 202 -20.00 14.26 7.40
C ARG B 202 -18.50 14.55 7.26
N THR B 203 -17.83 13.88 6.33
CA THR B 203 -16.39 14.09 6.17
C THR B 203 -16.09 15.41 5.45
N GLY B 204 -16.89 15.70 4.43
CA GLY B 204 -16.68 16.87 3.59
C GLY B 204 -17.17 18.18 4.23
N PHE B 205 -18.27 18.14 4.97
CA PHE B 205 -18.80 19.33 5.68
C PHE B 205 -18.35 19.42 7.12
N ALA B 206 -17.36 18.63 7.50
CA ALA B 206 -16.73 18.75 8.81
C ALA B 206 -16.33 20.21 9.15
N GLY B 207 -16.56 20.62 10.40
CA GLY B 207 -16.34 22.01 10.80
C GLY B 207 -14.98 22.23 11.44
N SER B 208 -14.25 21.16 11.72
CA SER B 208 -12.96 21.26 12.36
C SER B 208 -12.10 20.05 11.96
N GLN B 209 -10.80 20.15 12.22
CA GLN B 209 -9.89 19.06 11.91
C GLN B 209 -10.40 17.78 12.57
N GLU B 210 -10.77 17.91 13.85
CA GLU B 210 -11.14 16.77 14.66
C GLU B 210 -12.39 16.12 14.12
N ALA B 211 -13.37 16.92 13.71
CA ALA B 211 -14.58 16.35 13.12
C ALA B 211 -14.24 15.64 11.80
N HIS B 212 -13.29 16.20 11.04
CA HIS B 212 -12.93 15.57 9.77
C HIS B 212 -12.24 14.25 10.06
N ASN B 213 -11.30 14.25 10.99
CA ASN B 213 -10.60 13.03 11.39
C ASN B 213 -11.55 11.86 11.74
N GLU B 214 -12.56 12.15 12.57
CA GLU B 214 -13.48 11.11 13.04
C GLU B 214 -14.45 10.63 11.95
N ALA B 215 -15.01 11.55 11.17
CA ALA B 215 -15.86 11.18 10.04
C ALA B 215 -15.11 10.30 9.01
N TYR B 216 -13.88 10.68 8.70
CA TYR B 216 -13.07 9.92 7.74
C TYR B 216 -12.79 8.51 8.22
N LYS B 217 -12.46 8.39 9.50
CA LYS B 217 -12.20 7.08 10.10
C LYS B 217 -13.42 6.16 10.00
N ARG B 218 -14.59 6.70 10.32
CA ARG B 218 -15.85 5.94 10.22
C ARG B 218 -16.17 5.51 8.81
N LEU B 219 -15.93 6.41 7.86
CA LEU B 219 -16.20 6.12 6.48
C LEU B 219 -15.35 4.92 6.03
N TRP B 220 -14.08 4.93 6.37
CA TRP B 220 -13.16 3.92 5.85
C TRP B 220 -13.28 2.58 6.60
N VAL B 221 -13.70 2.63 7.87
CA VAL B 221 -14.07 1.39 8.56
C VAL B 221 -15.19 0.72 7.74
N ALA B 222 -16.17 1.49 7.32
CA ALA B 222 -17.31 0.97 6.60
C ALA B 222 -16.97 0.53 5.17
N LEU B 223 -16.17 1.33 4.46
CA LEU B 223 -15.75 0.93 3.10
C LEU B 223 -14.88 -0.34 3.13
N ASP B 224 -14.02 -0.48 4.14
CA ASP B 224 -13.24 -1.72 4.30
C ASP B 224 -14.15 -2.91 4.58
N TRP B 225 -15.20 -2.70 5.37
CA TRP B 225 -16.20 -3.75 5.62
C TRP B 225 -16.88 -4.15 4.33
N LEU B 226 -17.24 -3.20 3.49
CA LEU B 226 -17.94 -3.51 2.24
C LEU B 226 -17.01 -4.24 1.26
N GLU B 227 -15.75 -3.81 1.22
CA GLU B 227 -14.73 -4.43 0.37
C GLU B 227 -14.60 -5.91 0.74
N ASP B 228 -14.56 -6.22 2.04
CA ASP B 228 -14.56 -7.61 2.51
C ASP B 228 -15.90 -8.37 2.26
N ARG B 229 -17.03 -7.73 2.51
CA ARG B 229 -18.33 -8.38 2.31
C ARG B 229 -18.49 -8.75 0.84
N LEU B 230 -18.04 -7.87 -0.04
CA LEU B 230 -18.16 -8.10 -1.51
C LEU B 230 -17.02 -8.98 -2.11
N SER B 231 -16.11 -9.46 -1.29
CA SER B 231 -15.12 -10.43 -1.72
C SER B 231 -15.68 -11.82 -1.91
N THR B 232 -16.81 -12.15 -1.28
CA THR B 232 -17.40 -13.47 -1.41
C THR B 232 -18.84 -13.47 -1.91
N ARG B 233 -19.37 -12.33 -2.26
CA ARG B 233 -20.75 -12.21 -2.71
C ARG B 233 -20.67 -11.30 -3.94
N ARG B 234 -21.38 -11.62 -5.01
CA ARG B 234 -21.35 -10.73 -6.18
C ARG B 234 -21.97 -9.33 -5.90
N TYR B 235 -23.10 -9.29 -5.19
CA TYR B 235 -23.75 -8.05 -4.79
C TYR B 235 -23.99 -8.08 -3.31
N LEU B 236 -24.49 -6.98 -2.73
CA LEU B 236 -24.51 -6.87 -1.25
C LEU B 236 -25.24 -8.00 -0.55
N GLY B 238 -25.89 -11.06 -2.01
CA GLY B 238 -25.62 -12.35 -2.68
C GLY B 238 -25.59 -12.29 -4.19
N ASP B 239 -26.33 -13.19 -4.82
CA ASP B 239 -26.21 -13.51 -6.24
C ASP B 239 -26.82 -12.48 -7.19
N HIS B 240 -27.77 -11.68 -6.70
CA HIS B 240 -28.52 -10.73 -7.53
C HIS B 240 -28.65 -9.34 -6.91
N ILE B 241 -28.87 -8.36 -7.77
CA ILE B 241 -29.11 -6.98 -7.39
C ILE B 241 -30.39 -6.83 -6.56
N THR B 242 -30.28 -6.06 -5.47
CA THR B 242 -31.39 -5.72 -4.62
C THR B 242 -31.39 -4.21 -4.30
N GLU B 243 -32.44 -3.78 -3.58
CA GLU B 243 -32.56 -2.41 -3.03
C GLU B 243 -31.26 -1.91 -2.38
N ALA B 244 -30.57 -2.79 -1.64
CA ALA B 244 -29.31 -2.39 -0.91
C ALA B 244 -28.30 -1.85 -1.89
N ASP B 245 -28.15 -2.51 -3.06
CA ASP B 245 -27.21 -2.03 -4.09
C ASP B 245 -27.61 -0.70 -4.68
N ILE B 246 -28.91 -0.54 -4.85
CA ILE B 246 -29.45 0.70 -5.35
C ILE B 246 -29.19 1.86 -4.37
N ARG B 247 -29.07 1.59 -3.07
CA ARG B 247 -28.77 2.64 -2.11
C ARG B 247 -27.28 2.91 -1.98
N LEU B 248 -26.42 1.93 -2.29
CA LEU B 248 -24.95 2.11 -2.20
C LEU B 248 -24.39 2.74 -3.48
N TYR B 249 -24.88 2.30 -4.64
CA TYR B 249 -24.37 2.76 -5.92
C TYR B 249 -24.25 4.28 -6.05
N PRO B 250 -25.30 5.02 -5.67
CA PRO B 250 -25.19 6.46 -5.89
C PRO B 250 -24.03 7.12 -5.15
N THR B 251 -23.64 6.60 -4.00
CA THR B 251 -22.47 7.14 -3.31
C THR B 251 -21.18 6.73 -4.03
N LEU B 252 -21.07 5.44 -4.38
CA LEU B 252 -19.82 4.97 -5.01
C LEU B 252 -19.60 5.61 -6.37
N VAL B 253 -20.66 5.82 -7.14
CA VAL B 253 -20.52 6.37 -8.48
C VAL B 253 -20.08 7.83 -8.49
N ARG B 254 -20.31 8.52 -7.38
CA ARG B 254 -19.92 9.90 -7.20
C ARG B 254 -18.57 10.02 -6.48
N PHE B 255 -17.98 8.92 -6.06
CA PHE B 255 -16.85 9.00 -5.13
C PHE B 255 -15.56 9.58 -5.75
N ASP B 256 -15.05 8.92 -6.79
CA ASP B 256 -13.85 9.41 -7.45
C ASP B 256 -14.09 10.79 -8.12
N ALA B 257 -15.28 10.98 -8.70
CA ALA B 257 -15.64 12.26 -9.33
C ALA B 257 -15.70 13.46 -8.38
N VAL B 258 -16.19 13.27 -7.17
CA VAL B 258 -16.44 14.35 -6.25
C VAL B 258 -15.95 14.08 -4.83
N TYR B 259 -16.43 13.04 -4.18
CA TYR B 259 -16.21 12.94 -2.74
C TYR B 259 -14.71 12.84 -2.35
N HIS B 260 -13.96 12.15 -3.20
CA HIS B 260 -12.55 11.88 -3.00
C HIS B 260 -11.78 13.17 -2.74
N GLY B 261 -12.01 14.17 -3.59
CA GLY B 261 -11.31 15.44 -3.51
C GLY B 261 -12.11 16.52 -2.79
N HIS B 262 -13.28 16.84 -3.34
CA HIS B 262 -14.12 17.92 -2.84
C HIS B 262 -14.50 17.71 -1.38
N PHE B 263 -14.82 16.47 -1.00
CA PHE B 263 -15.15 16.16 0.40
C PHE B 263 -14.00 15.57 1.17
N LYS B 264 -12.83 15.50 0.56
CA LYS B 264 -11.65 15.07 1.28
C LYS B 264 -11.70 13.65 1.79
N CYS B 265 -12.44 12.80 1.11
CA CYS B 265 -12.64 11.42 1.55
C CYS B 265 -11.53 10.47 1.11
N GLY B 266 -10.60 10.96 0.28
CA GLY B 266 -9.69 10.08 -0.46
C GLY B 266 -8.52 9.40 0.25
N ARG B 267 -8.79 8.41 1.09
CA ARG B 267 -7.72 7.51 1.50
C ARG B 267 -7.17 6.80 0.26
N ASN B 268 -8.10 6.39 -0.57
CA ASN B 268 -7.88 5.63 -1.79
C ASN B 268 -8.96 6.08 -2.74
N LYS B 269 -8.71 5.97 -4.03
CA LYS B 269 -9.80 6.03 -4.99
C LYS B 269 -10.50 4.66 -4.98
N ILE B 270 -11.76 4.63 -5.40
CA ILE B 270 -12.47 3.37 -5.50
C ILE B 270 -11.77 2.44 -6.51
N THR B 271 -11.15 3.01 -7.54
CA THR B 271 -10.36 2.23 -8.51
C THR B 271 -9.25 1.40 -7.86
N GLU B 272 -8.81 1.80 -6.67
CA GLU B 272 -7.76 1.04 -5.92
C GLU B 272 -8.33 0.00 -4.97
N PRO B 274 -10.22 -3.41 -4.99
CA PRO B 274 -10.54 -4.28 -6.12
C PRO B 274 -11.99 -4.77 -6.12
N ASN B 275 -12.52 -5.15 -4.95
CA ASN B 275 -13.89 -5.64 -4.96
C ASN B 275 -14.92 -4.52 -5.20
N LEU B 276 -14.75 -3.40 -4.53
CA LEU B 276 -15.68 -2.27 -4.72
C LEU B 276 -15.65 -1.77 -6.17
N TRP B 277 -14.47 -1.75 -6.78
CA TRP B 277 -14.34 -1.23 -8.16
C TRP B 277 -14.95 -2.18 -9.18
N GLY B 278 -14.76 -3.49 -8.97
CA GLY B 278 -15.44 -4.48 -9.79
C GLY B 278 -16.94 -4.37 -9.71
N TYR B 279 -17.43 -4.31 -8.47
CA TYR B 279 -18.86 -4.16 -8.18
C TYR B 279 -19.46 -2.89 -8.76
N LEU B 280 -18.77 -1.77 -8.58
CA LEU B 280 -19.18 -0.49 -9.18
C LEU B 280 -19.31 -0.54 -10.71
N ARG B 281 -18.33 -1.14 -11.36
CA ARG B 281 -18.37 -1.29 -12.83
C ARG B 281 -19.50 -2.22 -13.26
N ASP B 282 -19.66 -3.33 -12.53
CA ASP B 282 -20.71 -4.30 -12.77
C ASP B 282 -22.08 -3.60 -12.71
N LEU B 283 -22.31 -2.84 -11.65
CA LEU B 283 -23.55 -2.09 -11.55
C LEU B 283 -23.69 -1.02 -12.64
N PHE B 284 -22.64 -0.24 -12.87
CA PHE B 284 -22.70 0.85 -13.85
C PHE B 284 -23.12 0.34 -15.21
N GLN B 285 -22.61 -0.85 -15.53
CA GLN B 285 -22.84 -1.44 -16.84
C GLN B 285 -24.21 -2.13 -16.92
N THR B 286 -24.97 -2.13 -15.84
CA THR B 286 -26.32 -2.70 -15.87
C THR B 286 -27.35 -1.63 -16.23
N PRO B 287 -28.37 -1.98 -17.02
CA PRO B 287 -29.48 -1.07 -17.29
C PRO B 287 -30.08 -0.47 -16.03
N GLY B 288 -30.40 0.82 -16.10
CA GLY B 288 -30.91 1.59 -14.94
C GLY B 288 -29.87 2.38 -14.16
N PHE B 289 -28.63 1.91 -14.21
CA PHE B 289 -27.54 2.47 -13.43
C PHE B 289 -26.72 3.50 -14.26
N GLY B 290 -25.83 3.01 -15.13
CA GLY B 290 -25.03 3.93 -15.95
C GLY B 290 -25.87 4.84 -16.81
N ASP B 291 -26.99 4.35 -17.33
CA ASP B 291 -27.81 5.12 -18.23
C ASP B 291 -28.70 6.19 -17.55
N THR B 292 -28.59 6.31 -16.22
CA THR B 292 -29.20 7.40 -15.46
C THR B 292 -28.13 8.27 -14.73
N THR B 293 -26.85 8.00 -15.03
CA THR B 293 -25.73 8.69 -14.37
C THR B 293 -25.15 9.78 -15.28
N ASP B 294 -25.30 11.05 -14.87
CA ASP B 294 -24.76 12.20 -15.61
C ASP B 294 -23.60 12.83 -14.85
N PHE B 295 -22.38 12.50 -15.26
CA PHE B 295 -21.17 12.87 -14.51
C PHE B 295 -20.92 14.36 -14.55
N THR B 296 -21.30 15.03 -15.65
CA THR B 296 -21.14 16.50 -15.74
C THR B 296 -22.05 17.23 -14.76
N GLU B 297 -23.32 16.87 -14.72
CA GLU B 297 -24.23 17.47 -13.76
C GLU B 297 -23.82 17.18 -12.31
N ILE B 298 -23.35 15.95 -12.04
CA ILE B 298 -22.84 15.59 -10.72
C ILE B 298 -21.72 16.53 -10.29
N LYS B 299 -20.70 16.64 -11.14
CA LYS B 299 -19.51 17.42 -10.78
C LYS B 299 -19.85 18.93 -10.67
N GLN B 300 -20.62 19.44 -11.62
CA GLN B 300 -21.04 20.85 -11.59
C GLN B 300 -21.79 21.22 -10.32
N HIS B 301 -22.79 20.42 -9.95
CA HIS B 301 -23.51 20.68 -8.73
C HIS B 301 -22.61 20.83 -7.50
N TYR B 302 -21.78 19.83 -7.22
CA TYR B 302 -20.95 19.87 -6.01
C TYR B 302 -19.91 20.97 -6.02
N TYR B 303 -19.13 21.04 -7.10
CA TYR B 303 -17.99 21.94 -7.13
C TYR B 303 -18.39 23.42 -7.29
N ILE B 304 -19.48 23.69 -8.00
CA ILE B 304 -19.97 25.06 -8.15
C ILE B 304 -20.83 25.55 -6.97
N THR B 305 -21.78 24.74 -6.52
CA THR B 305 -22.70 25.13 -5.44
C THR B 305 -22.03 25.30 -4.10
N HIS B 306 -21.11 24.40 -3.75
CA HIS B 306 -20.53 24.44 -2.41
C HIS B 306 -19.36 25.40 -2.30
N ALA B 307 -19.70 26.69 -2.38
CA ALA B 307 -18.72 27.80 -2.38
C ALA B 307 -18.01 27.96 -1.04
N GLU B 308 -18.64 27.53 0.04
CA GLU B 308 -18.05 27.51 1.38
CA GLU B 308 -18.00 27.58 1.34
C GLU B 308 -16.85 26.55 1.46
N ILE B 309 -16.87 25.49 0.66
CA ILE B 309 -15.76 24.50 0.60
C ILE B 309 -14.81 24.82 -0.56
N ASN B 310 -15.38 25.32 -1.67
CA ASN B 310 -14.67 25.51 -2.94
C ASN B 310 -14.99 26.90 -3.53
N PRO B 311 -14.47 27.98 -2.91
CA PRO B 311 -14.84 29.35 -3.29
C PRO B 311 -14.48 29.76 -4.72
N THR B 312 -13.50 29.11 -5.35
CA THR B 312 -13.20 29.41 -6.76
C THR B 312 -14.34 28.90 -7.68
N ARG B 313 -15.12 27.95 -7.19
CA ARG B 313 -16.18 27.32 -7.98
C ARG B 313 -15.68 26.63 -9.27
N ILE B 314 -14.39 26.28 -9.33
CA ILE B 314 -13.80 25.58 -10.46
C ILE B 314 -14.15 24.11 -10.39
N VAL B 315 -14.52 23.53 -11.53
CA VAL B 315 -14.81 22.13 -11.63
C VAL B 315 -13.58 21.44 -12.21
N PRO B 316 -12.97 20.49 -11.47
CA PRO B 316 -11.80 19.82 -12.05
C PRO B 316 -12.14 19.10 -13.32
N VAL B 317 -11.23 19.10 -14.28
CA VAL B 317 -11.44 18.34 -15.51
C VAL B 317 -11.50 16.83 -15.21
N GLY B 318 -10.67 16.37 -14.29
CA GLY B 318 -10.62 14.96 -13.99
C GLY B 318 -11.65 14.58 -12.95
N PRO B 319 -11.69 13.29 -12.59
CA PRO B 319 -10.81 12.24 -13.06
C PRO B 319 -11.19 11.73 -14.46
N ASP B 320 -10.28 10.94 -15.04
CA ASP B 320 -10.62 10.17 -16.22
C ASP B 320 -11.67 9.11 -15.83
N LEU B 321 -12.78 9.05 -16.54
CA LEU B 321 -13.89 8.14 -16.18
C LEU B 321 -13.96 6.85 -17.03
N SER B 322 -13.07 6.71 -17.99
CA SER B 322 -13.12 5.64 -18.99
C SER B 322 -13.10 4.22 -18.38
N GLY B 323 -12.51 4.08 -17.20
CA GLY B 323 -12.51 2.80 -16.53
C GLY B 323 -13.90 2.22 -16.21
N PHE B 324 -14.90 3.09 -16.07
CA PHE B 324 -16.26 2.64 -15.82
C PHE B 324 -16.76 1.62 -16.83
N ALA B 325 -16.24 1.68 -18.06
CA ALA B 325 -16.67 0.79 -19.14
C ALA B 325 -15.77 -0.47 -19.31
N THR B 326 -14.73 -0.64 -18.51
CA THR B 326 -13.82 -1.78 -18.70
C THR B 326 -14.36 -3.10 -18.11
N PRO B 327 -13.86 -4.29 -18.57
CA PRO B 327 -14.33 -5.55 -17.99
C PRO B 327 -14.17 -5.62 -16.46
N HIS B 328 -15.21 -6.04 -15.77
CA HIS B 328 -15.27 -5.91 -14.31
C HIS B 328 -14.84 -7.15 -13.55
N GLY B 329 -14.76 -8.29 -14.22
CA GLY B 329 -14.34 -9.56 -13.60
C GLY B 329 -15.24 -10.14 -12.49
N ARG B 330 -16.46 -9.65 -12.33
CA ARG B 330 -17.31 -10.10 -11.20
C ARG B 330 -18.08 -11.37 -11.53
N GLU B 331 -18.08 -11.80 -12.80
CA GLU B 331 -18.76 -13.04 -13.18
C GLU B 331 -18.21 -14.23 -12.41
N LYS B 332 -16.96 -14.17 -12.03
CA LYS B 332 -16.37 -15.26 -11.30
C LYS B 332 -16.90 -15.49 -9.90
N LEU B 333 -17.71 -14.57 -9.36
CA LEU B 333 -18.41 -14.82 -8.11
C LEU B 333 -19.73 -15.52 -8.37
N GLY B 334 -20.05 -15.84 -9.63
CA GLY B 334 -21.31 -16.47 -9.93
C GLY B 334 -22.45 -15.47 -9.95
N GLY B 335 -23.66 -15.96 -9.80
CA GLY B 335 -24.83 -15.09 -9.88
C GLY B 335 -24.99 -14.38 -11.22
N SER B 336 -25.79 -13.33 -11.20
CA SER B 336 -26.12 -12.52 -12.35
C SER B 336 -26.93 -11.31 -11.85
N PRO B 337 -26.93 -10.22 -12.62
CA PRO B 337 -27.62 -9.05 -12.09
C PRO B 337 -29.08 -9.34 -11.71
N PHE B 338 -29.74 -10.19 -12.49
CA PHE B 338 -31.15 -10.52 -12.25
C PHE B 338 -31.43 -12.01 -12.16
N ALA B 339 -32.54 -12.34 -11.51
CA ALA B 339 -32.92 -13.71 -11.26
C ALA B 339 -33.40 -14.36 -12.58
N GLU B 340 -33.70 -15.64 -12.49
CA GLU B 340 -34.11 -16.46 -13.65
C GLU B 340 -35.35 -15.88 -14.33
N GLY B 341 -35.30 -15.69 -15.65
CA GLY B 341 -36.48 -15.24 -16.43
C GLY B 341 -36.80 -13.77 -16.34
N VAL B 342 -35.99 -12.98 -15.62
CA VAL B 342 -36.25 -11.54 -15.47
C VAL B 342 -35.98 -10.81 -16.79
N THR B 343 -36.87 -9.91 -17.17
CA THR B 343 -36.74 -9.18 -18.43
C THR B 343 -35.94 -7.90 -18.17
N LEU B 344 -35.26 -7.39 -19.19
CA LEU B 344 -34.52 -6.14 -19.08
C LEU B 344 -35.39 -4.90 -19.39
N PRO B 345 -35.02 -3.72 -18.85
CA PRO B 345 -35.74 -2.48 -19.21
C PRO B 345 -35.79 -2.21 -20.69
N GLY B 346 -36.90 -1.63 -21.15
CA GLY B 346 -37.03 -1.20 -22.54
C GLY B 346 -36.24 0.05 -22.79
N PRO B 347 -36.25 0.55 -24.03
CA PRO B 347 -35.49 1.74 -24.38
C PRO B 347 -35.83 2.94 -23.50
N ILE B 348 -34.82 3.68 -23.07
CA ILE B 348 -35.05 4.77 -22.12
C ILE B 348 -35.96 5.80 -22.85
N PRO B 349 -37.02 6.34 -22.20
CA PRO B 349 -37.88 7.25 -22.97
C PRO B 349 -37.19 8.53 -23.49
N ALA B 350 -37.71 9.09 -24.58
CA ALA B 350 -37.24 10.35 -25.15
C ALA B 350 -37.31 11.47 -24.11
N GLY B 351 -36.25 12.25 -23.98
CA GLY B 351 -36.21 13.25 -22.91
C GLY B 351 -35.58 12.79 -21.60
N GLU B 352 -35.46 11.46 -21.39
CA GLU B 352 -34.99 10.95 -20.11
C GLU B 352 -33.55 10.45 -20.17
N GLU B 353 -32.93 10.47 -21.32
CA GLU B 353 -31.57 9.98 -21.48
C GLU B 353 -30.61 10.97 -20.84
N VAL B 354 -29.44 10.49 -20.49
CA VAL B 354 -28.39 11.34 -19.97
C VAL B 354 -27.99 12.41 -21.01
N LYS B 355 -28.01 13.68 -20.59
CA LYS B 355 -27.78 14.80 -21.48
C LYS B 355 -26.32 15.06 -21.76
N ASN B 356 -25.43 14.65 -20.87
CA ASN B 356 -24.01 14.85 -21.03
C ASN B 356 -23.31 13.49 -21.01
N PRO B 357 -23.60 12.61 -21.98
CA PRO B 357 -22.95 11.29 -21.98
C PRO B 357 -21.44 11.35 -22.12
N GLU B 358 -20.73 10.51 -21.39
CA GLU B 358 -19.33 10.29 -21.68
C GLU B 358 -19.25 9.47 -22.97
N PRO B 359 -18.07 9.42 -23.59
CA PRO B 359 -17.98 8.69 -24.86
C PRO B 359 -18.37 7.22 -24.74
N PHE B 360 -18.16 6.58 -23.58
CA PHE B 360 -18.54 5.18 -23.43
C PHE B 360 -20.02 5.02 -23.09
N GLN B 361 -20.73 6.12 -22.87
CA GLN B 361 -22.16 6.01 -22.70
C GLN B 361 -22.74 6.33 -24.08
N ASN C 29 13.79 39.46 -2.20
CA ASN C 29 13.67 39.49 -3.70
C ASN C 29 14.71 38.53 -4.34
N TYR C 30 15.17 38.80 -5.57
CA TYR C 30 15.97 37.82 -6.34
C TYR C 30 17.47 38.11 -6.33
N ILE C 31 18.26 37.13 -5.88
CA ILE C 31 19.68 37.29 -5.71
C ILE C 31 20.39 36.15 -6.41
N ASP C 32 21.31 36.48 -7.30
CA ASP C 32 21.94 35.47 -8.11
C ASP C 32 23.45 35.57 -8.15
N ASP C 33 24.05 35.87 -7.01
CA ASP C 33 25.48 35.65 -6.82
C ASP C 33 25.72 34.15 -6.88
N ARG C 34 26.97 33.75 -7.11
CA ARG C 34 27.34 32.32 -7.12
C ARG C 34 28.49 32.03 -6.18
N ILE C 35 28.54 30.79 -5.67
CA ILE C 35 29.69 30.34 -4.86
C ILE C 35 30.50 29.39 -5.74
N VAL C 36 31.76 29.73 -6.01
CA VAL C 36 32.54 29.08 -7.07
C VAL C 36 33.92 28.62 -6.58
N ALA C 37 34.49 27.65 -7.30
CA ALA C 37 35.77 27.04 -6.94
C ALA C 37 36.96 27.96 -7.25
N ASP C 38 36.80 28.87 -8.19
CA ASP C 38 37.95 29.64 -8.67
C ASP C 38 38.14 31.00 -7.95
N VAL C 39 37.39 31.24 -6.88
CA VAL C 39 37.68 32.28 -5.90
C VAL C 39 38.17 31.55 -4.61
N PRO C 40 39.36 31.92 -4.07
CA PRO C 40 39.96 31.22 -2.91
C PRO C 40 39.25 31.42 -1.56
N ALA C 41 39.30 30.38 -0.71
CA ALA C 41 38.74 30.42 0.63
C ALA C 41 39.24 31.63 1.38
N GLY C 42 38.36 32.28 2.14
CA GLY C 42 38.69 33.49 2.88
C GLY C 42 38.46 34.76 2.09
N SER C 43 38.28 34.67 0.77
CA SER C 43 38.11 35.89 -0.02
C SER C 43 36.78 36.60 0.27
N GLU C 44 36.82 37.91 0.08
CA GLU C 44 35.64 38.75 -0.09
C GLU C 44 34.94 38.35 -1.40
N PRO C 45 33.63 38.60 -1.52
CA PRO C 45 32.94 38.38 -2.82
C PRO C 45 33.54 39.29 -3.93
N ILE C 46 33.76 38.74 -5.12
CA ILE C 46 34.42 39.40 -6.23
C ILE C 46 33.42 39.82 -7.31
N ALA C 47 33.46 41.09 -7.66
CA ALA C 47 32.52 41.69 -8.60
C ALA C 47 32.72 41.06 -9.97
N GLN C 48 31.64 40.72 -10.63
CA GLN C 48 31.70 40.18 -12.00
C GLN C 48 31.22 41.25 -13.01
N GLU C 49 31.52 41.01 -14.29
CA GLU C 49 31.10 41.89 -15.37
C GLU C 49 29.57 42.00 -15.48
N ASP C 50 28.84 40.93 -15.16
CA ASP C 50 27.38 40.98 -15.20
C ASP C 50 26.71 41.68 -14.01
N GLY C 51 27.53 42.26 -13.14
CA GLY C 51 27.06 42.95 -11.95
C GLY C 51 26.75 42.02 -10.79
N THR C 52 26.96 40.70 -10.92
CA THR C 52 26.82 39.79 -9.76
C THR C 52 28.15 39.70 -9.04
N PHE C 53 28.18 38.94 -7.93
CA PHE C 53 29.43 38.69 -7.22
C PHE C 53 29.65 37.19 -7.10
N HIS C 54 30.91 36.77 -7.15
CA HIS C 54 31.30 35.40 -6.91
C HIS C 54 31.98 35.27 -5.55
N TRP C 55 31.49 34.33 -4.76
CA TRP C 55 32.00 34.05 -3.44
C TRP C 55 32.77 32.72 -3.50
N PRO C 56 33.68 32.50 -2.52
CA PRO C 56 34.49 31.29 -2.55
C PRO C 56 33.83 30.01 -1.99
N VAL C 57 34.05 28.89 -2.65
CA VAL C 57 33.70 27.57 -2.09
C VAL C 57 34.61 27.35 -0.88
N GLU C 58 34.00 27.07 0.26
CA GLU C 58 34.67 27.12 1.57
C GLU C 58 33.81 26.38 2.59
N ALA C 59 34.45 25.53 3.40
CA ALA C 59 33.73 24.81 4.46
C ALA C 59 33.42 25.74 5.62
N GLY C 60 32.29 25.51 6.28
CA GLY C 60 31.93 26.19 7.52
C GLY C 60 31.54 27.66 7.40
N ARG C 61 31.22 28.11 6.20
CA ARG C 61 30.89 29.53 5.98
C ARG C 61 29.41 29.74 5.63
N TYR C 62 28.81 28.78 4.91
CA TYR C 62 27.46 28.98 4.39
C TYR C 62 26.44 28.01 4.98
N ARG C 63 25.20 28.48 5.06
CA ARG C 63 24.04 27.68 5.46
C ARG C 63 22.99 27.60 4.33
N LEU C 64 22.48 26.40 4.08
CA LEU C 64 21.34 26.20 3.19
C LEU C 64 20.10 26.36 4.01
N VAL C 65 19.29 27.38 3.69
CA VAL C 65 17.98 27.54 4.31
C VAL C 65 16.90 26.96 3.38
N ALA C 66 16.14 26.00 3.92
CA ALA C 66 15.14 25.27 3.16
C ALA C 66 13.82 25.18 3.95
N ALA C 67 12.77 24.72 3.29
CA ALA C 67 11.53 24.31 3.96
C ALA C 67 11.22 22.90 3.48
N ARG C 68 10.77 22.04 4.40
CA ARG C 68 10.37 20.70 3.99
C ARG C 68 9.25 20.70 2.95
N ALA C 69 8.29 21.60 3.08
CA ALA C 69 7.10 21.59 2.22
C ALA C 69 7.37 22.03 0.78
N CYS C 70 8.46 22.78 0.58
CA CYS C 70 8.72 23.48 -0.70
C CYS C 70 9.48 22.58 -1.70
N PRO C 71 8.87 22.31 -2.88
CA PRO C 71 9.55 21.45 -3.84
C PRO C 71 10.90 21.98 -4.37
N TRP C 72 10.99 23.30 -4.51
CA TRP C 72 12.21 23.93 -5.01
C TRP C 72 13.34 23.78 -3.99
N ALA C 73 13.07 24.04 -2.72
CA ALA C 73 14.05 23.80 -1.65
C ALA C 73 14.42 22.30 -1.54
N HIS C 74 13.44 21.43 -1.79
CA HIS C 74 13.66 19.99 -1.67
C HIS C 74 14.80 19.54 -2.58
N ARG C 75 14.82 20.04 -3.83
CA ARG C 75 15.94 19.71 -4.74
C ARG C 75 17.31 19.94 -4.09
N THR C 76 17.44 21.04 -3.35
CA THR C 76 18.75 21.40 -2.80
C THR C 76 19.14 20.50 -1.63
N VAL C 77 18.14 20.09 -0.82
CA VAL C 77 18.39 19.16 0.29
C VAL C 77 18.81 17.78 -0.21
N ILE C 78 18.10 17.29 -1.22
CA ILE C 78 18.40 16.01 -1.83
C ILE C 78 19.86 16.03 -2.32
N THR C 79 20.24 17.07 -3.06
CA THR C 79 21.57 17.15 -3.69
C THR C 79 22.70 17.24 -2.65
N ARG C 80 22.49 18.07 -1.64
CA ARG C 80 23.44 18.20 -0.56
C ARG C 80 23.69 16.84 0.11
N ARG C 81 22.63 16.05 0.29
CA ARG C 81 22.75 14.74 0.92
C ARG C 81 23.45 13.74 -0.02
N LEU C 82 23.00 13.68 -1.26
CA LEU C 82 23.62 12.77 -2.24
C LEU C 82 25.14 12.99 -2.38
N LEU C 83 25.55 14.26 -2.37
CA LEU C 83 26.94 14.59 -2.65
C LEU C 83 27.84 14.55 -1.41
N GLY C 84 27.24 14.43 -0.23
CA GLY C 84 27.96 14.40 1.04
C GLY C 84 28.47 15.77 1.44
N LEU C 85 27.62 16.78 1.30
CA LEU C 85 28.01 18.19 1.61
C LEU C 85 27.41 18.64 2.96
N GLU C 86 26.83 17.70 3.71
CA GLU C 86 26.14 18.01 4.96
C GLU C 86 27.12 18.50 6.05
N ASN C 87 28.36 18.08 5.95
CA ASN C 87 29.33 18.49 6.98
CA ASN C 87 29.43 18.42 6.90
C ASN C 87 30.13 19.75 6.61
N VAL C 88 29.88 20.38 5.45
CA VAL C 88 30.57 21.64 5.12
C VAL C 88 29.64 22.82 4.88
N ILE C 89 28.40 22.52 4.53
CA ILE C 89 27.32 23.49 4.49
C ILE C 89 26.26 23.06 5.49
N SER C 90 25.92 23.94 6.41
CA SER C 90 24.89 23.66 7.42
C SER C 90 23.47 23.82 6.84
N LEU C 91 22.49 23.37 7.63
CA LEU C 91 21.07 23.36 7.21
C LEU C 91 20.19 24.09 8.22
N GLY C 92 19.40 25.05 7.76
CA GLY C 92 18.31 25.65 8.54
C GLY C 92 16.97 25.34 7.88
N LEU C 93 16.02 24.82 8.66
CA LEU C 93 14.66 24.51 8.15
C LEU C 93 13.66 25.56 8.65
N THR C 94 12.93 26.20 7.74
CA THR C 94 11.91 27.20 8.07
C THR C 94 10.66 26.97 7.17
N GLY C 95 9.94 28.04 6.82
CA GLY C 95 8.68 27.93 6.03
C GLY C 95 8.77 28.44 4.57
N PRO C 96 7.97 27.86 3.65
CA PRO C 96 8.07 28.22 2.20
C PRO C 96 7.63 29.64 1.84
N THR C 97 8.05 30.09 0.66
CA THR C 97 7.64 31.40 0.13
C THR C 97 7.14 31.38 -1.35
N HIS C 98 7.37 30.29 -2.09
CA HIS C 98 6.91 30.09 -3.49
C HIS C 98 7.79 30.81 -4.52
N ILE C 136 13.05 35.99 4.41
CA ILE C 136 13.88 35.14 3.57
C ILE C 136 13.06 34.21 2.64
N THR C 137 13.23 34.38 1.32
CA THR C 137 12.63 33.43 0.35
C THR C 137 13.54 32.17 0.27
N VAL C 138 12.93 30.97 0.27
CA VAL C 138 13.68 29.71 0.26
C VAL C 138 13.57 29.01 -1.08
N PRO C 139 14.56 28.20 -1.47
CA PRO C 139 15.80 27.96 -0.77
C PRO C 139 16.79 29.11 -0.97
N ALA C 140 17.74 29.21 -0.05
CA ALA C 140 18.76 30.24 -0.07
C ALA C 140 20.04 29.67 0.52
N LEU C 141 21.17 30.06 -0.05
CA LEU C 141 22.46 29.93 0.59
C LEU C 141 22.70 31.28 1.27
N VAL C 142 23.08 31.22 2.55
CA VAL C 142 23.23 32.38 3.41
C VAL C 142 24.62 32.29 4.09
N GLU C 143 25.31 33.42 4.21
CA GLU C 143 26.61 33.46 4.93
C GLU C 143 26.30 33.46 6.42
N GLU C 144 26.85 32.50 7.16
CA GLU C 144 26.46 32.32 8.57
C GLU C 144 26.75 33.54 9.44
N SER C 145 27.97 34.04 9.38
CA SER C 145 28.41 35.17 10.23
C SER C 145 27.60 36.47 10.02
N SER C 146 27.42 36.86 8.76
CA SER C 146 26.75 38.13 8.41
C SER C 146 25.25 38.00 8.20
N LYS C 147 24.77 36.78 7.99
CA LYS C 147 23.36 36.53 7.63
C LYS C 147 22.98 37.05 6.23
N LYS C 148 23.96 37.37 5.39
CA LYS C 148 23.68 37.87 4.06
C LYS C 148 23.22 36.73 3.15
N VAL C 149 22.21 37.00 2.32
CA VAL C 149 21.76 36.05 1.32
C VAL C 149 22.74 36.09 0.15
N VAL C 150 23.43 34.97 -0.08
CA VAL C 150 24.35 34.88 -1.19
C VAL C 150 23.56 34.65 -2.48
N THR C 151 22.64 33.68 -2.44
CA THR C 151 21.84 33.31 -3.61
C THR C 151 20.53 32.63 -3.25
N ASN C 152 19.48 32.94 -4.00
CA ASN C 152 18.25 32.16 -3.96
C ASN C 152 17.84 31.67 -5.37
N ASP C 153 18.81 31.67 -6.28
CA ASP C 153 18.61 31.16 -7.61
C ASP C 153 18.70 29.63 -7.59
N TYR C 154 17.58 28.97 -7.30
CA TYR C 154 17.60 27.55 -7.01
C TYR C 154 18.17 26.67 -8.15
N PRO C 155 17.94 27.01 -9.44
CA PRO C 155 18.58 26.14 -10.47
C PRO C 155 20.10 26.17 -10.43
N SER C 156 20.71 27.33 -10.21
CA SER C 156 22.17 27.35 -10.13
C SER C 156 22.70 26.77 -8.81
N ILE C 157 21.89 26.70 -7.76
CA ILE C 157 22.40 26.13 -6.50
C ILE C 157 22.74 24.66 -6.70
N THR C 158 21.80 23.89 -7.26
CA THR C 158 22.04 22.47 -7.45
C THR C 158 23.16 22.19 -8.45
N ILE C 159 23.18 22.92 -9.57
CA ILE C 159 24.26 22.77 -10.55
C ILE C 159 25.63 23.10 -9.93
N ASP C 160 25.68 24.17 -9.14
CA ASP C 160 26.95 24.55 -8.50
C ASP C 160 27.39 23.56 -7.41
N PHE C 161 26.44 22.97 -6.68
CA PHE C 161 26.78 21.90 -5.73
C PHE C 161 27.47 20.76 -6.47
N ASN C 162 26.98 20.41 -7.64
CA ASN C 162 27.62 19.37 -8.43
C ASN C 162 28.98 19.74 -9.01
N LEU C 163 29.13 20.97 -9.51
CA LEU C 163 30.30 21.32 -10.31
C LEU C 163 31.33 22.14 -9.57
N GLU C 164 30.92 23.02 -8.66
CA GLU C 164 31.86 23.88 -7.94
C GLU C 164 32.36 23.33 -6.60
N TRP C 165 31.55 22.50 -5.97
CA TRP C 165 31.89 21.95 -4.65
C TRP C 165 32.59 20.58 -4.69
N LYS C 166 33.08 20.16 -5.86
CA LYS C 166 33.73 18.85 -6.03
C LYS C 166 34.76 18.53 -4.96
N GLN C 167 35.51 19.53 -4.54
CA GLN C 167 36.54 19.29 -3.55
C GLN C 167 35.99 18.84 -2.20
N PHE C 168 34.71 19.08 -1.92
CA PHE C 168 34.13 18.69 -0.62
C PHE C 168 33.11 17.56 -0.74
N HIS C 169 32.87 17.08 -1.96
CA HIS C 169 32.05 15.90 -2.13
C HIS C 169 32.64 14.72 -1.34
N ARG C 170 31.77 13.88 -0.79
CA ARG C 170 32.17 12.58 -0.26
C ARG C 170 32.97 11.83 -1.33
N GLU C 171 34.00 11.11 -0.92
CA GLU C 171 34.78 10.35 -1.89
C GLU C 171 33.87 9.25 -2.52
N GLY C 172 33.88 9.21 -3.86
CA GLY C 172 33.00 8.32 -4.60
C GLY C 172 31.58 8.85 -4.82
N ALA C 173 31.35 10.16 -4.61
CA ALA C 173 30.04 10.76 -4.83
C ALA C 173 29.62 10.59 -6.29
N PRO C 174 28.31 10.49 -6.54
CA PRO C 174 27.85 10.32 -7.90
C PRO C 174 28.07 11.59 -8.70
N ASN C 175 28.26 11.40 -9.98
CA ASN C 175 28.31 12.48 -10.94
C ASN C 175 26.87 12.64 -11.44
N LEU C 176 26.14 13.61 -10.88
CA LEU C 176 24.73 13.77 -11.18
C LEU C 176 24.50 14.63 -12.45
N TYR C 177 25.56 15.21 -13.01
CA TYR C 177 25.40 16.16 -14.10
C TYR C 177 26.51 15.91 -15.12
N PRO C 178 26.52 14.71 -15.73
CA PRO C 178 27.64 14.35 -16.59
C PRO C 178 27.70 15.15 -17.89
N ALA C 179 28.93 15.55 -18.21
CA ALA C 179 29.22 16.45 -19.33
C ALA C 179 28.52 15.99 -20.59
N GLU C 180 28.65 14.71 -20.90
CA GLU C 180 28.05 14.14 -22.11
C GLU C 180 26.50 14.03 -22.15
N LEU C 181 25.81 14.31 -21.04
CA LEU C 181 24.33 14.31 -21.03
C LEU C 181 23.73 15.72 -20.94
N ARG C 182 24.57 16.73 -20.67
CA ARG C 182 24.10 18.07 -20.35
C ARG C 182 23.28 18.72 -21.44
N GLU C 183 23.64 18.50 -22.71
CA GLU C 183 22.92 19.15 -23.79
CA GLU C 183 22.93 19.13 -23.81
C GLU C 183 21.57 18.47 -24.02
N GLU C 184 21.53 17.14 -23.99
CA GLU C 184 20.24 16.45 -24.06
C GLU C 184 19.34 16.73 -22.84
N ALA C 186 19.05 19.49 -21.05
CA ALA C 186 18.53 20.84 -20.96
C ALA C 186 17.04 20.95 -21.37
N PRO C 187 16.67 20.48 -22.55
CA PRO C 187 15.26 20.65 -22.94
C PRO C 187 14.30 19.74 -22.14
N VAL C 188 14.75 18.56 -21.72
CA VAL C 188 13.92 17.66 -20.90
C VAL C 188 13.55 18.39 -19.59
N LYS C 190 13.65 21.69 -18.95
CA LYS C 190 12.81 22.86 -19.22
C LYS C 190 11.34 22.45 -19.44
N ARG C 191 11.12 21.39 -20.22
CA ARG C 191 9.76 20.91 -20.45
C ARG C 191 9.11 20.44 -19.13
N ILE C 192 9.87 19.77 -18.28
CA ILE C 192 9.39 19.39 -16.97
C ILE C 192 9.09 20.64 -16.15
N PHE C 193 9.98 21.61 -16.21
CA PHE C 193 9.76 22.81 -15.43
C PHE C 193 8.47 23.55 -15.79
N THR C 194 8.22 23.80 -17.06
CA THR C 194 7.09 24.66 -17.44
C THR C 194 5.78 23.89 -17.37
N GLU C 195 5.82 22.60 -17.74
CA GLU C 195 4.60 21.82 -17.91
C GLU C 195 4.20 21.02 -16.68
N VAL C 196 5.14 20.77 -15.77
CA VAL C 196 4.92 19.86 -14.61
C VAL C 196 5.27 20.54 -13.29
N ASN C 197 6.52 20.98 -13.12
CA ASN C 197 6.91 21.63 -11.84
C ASN C 197 6.05 22.87 -11.56
N ASN C 198 5.94 23.73 -12.56
CA ASN C 198 5.01 24.88 -12.50
C ASN C 198 3.58 24.57 -12.90
N GLY C 199 3.43 23.52 -13.72
CA GLY C 199 2.14 23.11 -14.27
C GLY C 199 1.11 22.79 -13.22
N VAL C 200 1.54 22.13 -12.14
CA VAL C 200 0.64 21.86 -11.02
C VAL C 200 0.13 23.17 -10.36
N TYR C 201 1.01 24.15 -10.20
CA TYR C 201 0.62 25.44 -9.63
C TYR C 201 -0.30 26.21 -10.59
N ARG C 202 -0.02 26.14 -11.89
CA ARG C 202 -0.89 26.86 -12.85
C ARG C 202 -2.29 26.25 -12.82
N THR C 203 -2.37 24.93 -12.64
CA THR C 203 -3.66 24.24 -12.56
C THR C 203 -4.38 24.61 -11.27
N GLY C 204 -3.64 24.65 -10.16
CA GLY C 204 -4.24 24.83 -8.85
C GLY C 204 -4.68 26.25 -8.56
N PHE C 205 -3.91 27.23 -9.02
CA PHE C 205 -4.18 28.65 -8.77
C PHE C 205 -4.85 29.34 -9.95
N ALA C 206 -5.39 28.56 -10.88
CA ALA C 206 -6.12 29.09 -12.01
C ALA C 206 -7.23 30.01 -11.55
N GLY C 207 -7.35 31.17 -12.20
CA GLY C 207 -8.34 32.18 -11.86
C GLY C 207 -9.70 31.96 -12.49
N SER C 208 -9.81 31.01 -13.42
CA SER C 208 -11.07 30.77 -14.10
C SER C 208 -11.12 29.32 -14.58
N GLN C 209 -12.29 28.86 -14.94
CA GLN C 209 -12.50 27.53 -15.45
C GLN C 209 -11.62 27.28 -16.67
N GLU C 210 -11.62 28.26 -17.55
CA GLU C 210 -10.91 28.17 -18.83
CA GLU C 210 -10.92 28.16 -18.81
C GLU C 210 -9.42 27.98 -18.58
N ALA C 211 -8.87 28.72 -17.63
CA ALA C 211 -7.46 28.65 -17.32
C ALA C 211 -7.15 27.33 -16.62
N HIS C 212 -8.08 26.82 -15.81
CA HIS C 212 -7.90 25.48 -15.21
C HIS C 212 -7.85 24.45 -16.32
N ASN C 213 -8.84 24.48 -17.21
CA ASN C 213 -8.89 23.55 -18.32
C ASN C 213 -7.57 23.48 -19.13
N GLU C 214 -7.00 24.63 -19.47
CA GLU C 214 -5.81 24.59 -20.31
CA GLU C 214 -5.78 24.66 -20.30
C GLU C 214 -4.57 24.21 -19.53
N ALA C 215 -4.44 24.64 -18.28
CA ALA C 215 -3.33 24.23 -17.48
C ALA C 215 -3.35 22.70 -17.21
N TYR C 216 -4.53 22.15 -16.96
CA TYR C 216 -4.67 20.71 -16.72
C TYR C 216 -4.26 19.94 -17.96
N LYS C 217 -4.72 20.41 -19.13
CA LYS C 217 -4.38 19.72 -20.36
C LYS C 217 -2.89 19.69 -20.58
N ARG C 218 -2.22 20.82 -20.36
CA ARG C 218 -0.77 20.87 -20.51
C ARG C 218 -0.06 19.93 -19.53
N LEU C 219 -0.49 19.92 -18.28
CA LEU C 219 0.08 19.01 -17.28
C LEU C 219 0.03 17.56 -17.75
N TRP C 220 -1.13 17.11 -18.23
CA TRP C 220 -1.32 15.68 -18.54
C TRP C 220 -0.67 15.29 -19.87
N VAL C 221 -0.57 16.22 -20.82
CA VAL C 221 0.25 15.98 -22.03
C VAL C 221 1.70 15.63 -21.58
N ALA C 222 2.23 16.44 -20.65
CA ALA C 222 3.59 16.24 -20.16
C ALA C 222 3.72 14.96 -19.29
N LEU C 223 2.76 14.71 -18.41
CA LEU C 223 2.79 13.47 -17.58
C LEU C 223 2.70 12.20 -18.46
N ASP C 224 1.87 12.23 -19.51
CA ASP C 224 1.83 11.16 -20.50
C ASP C 224 3.15 10.95 -21.26
N TRP C 225 3.78 12.06 -21.66
CA TRP C 225 5.14 12.01 -22.25
C TRP C 225 6.14 11.32 -21.31
N LEU C 226 6.16 11.76 -20.06
CA LEU C 226 7.04 11.18 -19.09
C LEU C 226 6.77 9.67 -18.83
N GLU C 227 5.50 9.30 -18.75
CA GLU C 227 5.12 7.88 -18.58
C GLU C 227 5.68 7.05 -19.74
N ASP C 228 5.65 7.59 -20.95
CA ASP C 228 6.20 6.89 -22.11
C ASP C 228 7.75 6.89 -22.12
N ARG C 229 8.35 8.04 -21.86
CA ARG C 229 9.79 8.12 -21.80
C ARG C 229 10.33 7.08 -20.77
N LEU C 230 9.66 6.96 -19.62
CA LEU C 230 10.12 6.06 -18.54
C LEU C 230 9.71 4.60 -18.77
N SER C 231 9.01 4.29 -19.87
CA SER C 231 8.73 2.89 -20.20
C SER C 231 9.97 2.12 -20.67
N THR C 232 11.01 2.78 -21.15
CA THR C 232 12.15 2.06 -21.73
C THR C 232 13.45 2.52 -21.08
N ARG C 233 13.39 3.42 -20.10
CA ARG C 233 14.58 3.96 -19.42
C ARG C 233 14.26 3.89 -17.93
N ARG C 234 15.20 3.45 -17.10
CA ARG C 234 14.95 3.38 -15.66
C ARG C 234 14.69 4.77 -15.05
N TYR C 235 15.57 5.71 -15.37
CA TYR C 235 15.43 7.11 -14.97
C TYR C 235 15.37 8.04 -16.19
N LEU C 236 15.21 9.34 -15.96
CA LEU C 236 14.89 10.28 -17.07
C LEU C 236 15.99 10.31 -18.15
N GLY C 238 18.34 7.70 -18.51
CA GLY C 238 18.86 6.35 -18.77
C GLY C 238 19.03 5.49 -17.50
N ASP C 239 20.21 4.88 -17.37
CA ASP C 239 20.44 3.85 -16.36
C ASP C 239 20.60 4.35 -14.90
N HIS C 240 21.03 5.61 -14.76
CA HIS C 240 21.37 6.22 -13.47
C HIS C 240 20.68 7.54 -13.25
N ILE C 241 20.61 7.92 -11.98
CA ILE C 241 20.01 9.15 -11.52
C ILE C 241 20.87 10.34 -11.95
N THR C 242 20.18 11.41 -12.39
CA THR C 242 20.79 12.69 -12.75
C THR C 242 20.00 13.84 -12.13
N GLU C 243 20.53 15.05 -12.28
CA GLU C 243 19.86 16.32 -11.89
C GLU C 243 18.40 16.36 -12.34
N ALA C 244 18.11 15.87 -13.55
CA ALA C 244 16.76 15.89 -14.07
C ALA C 244 15.73 15.15 -13.16
N ASP C 245 16.13 14.03 -12.59
CA ASP C 245 15.23 13.28 -11.68
C ASP C 245 15.06 14.03 -10.36
N ILE C 246 16.12 14.71 -9.93
CA ILE C 246 16.08 15.49 -8.70
C ILE C 246 15.13 16.70 -8.84
N ARG C 247 14.93 17.21 -10.07
CA ARG C 247 13.95 18.29 -10.27
C ARG C 247 12.53 17.76 -10.50
N LEU C 248 12.37 16.52 -10.93
CA LEU C 248 11.04 15.93 -11.17
C LEU C 248 10.48 15.34 -9.86
N TYR C 249 11.32 14.64 -9.11
CA TYR C 249 10.87 13.95 -7.87
C TYR C 249 10.05 14.82 -6.92
N PRO C 250 10.47 16.07 -6.66
CA PRO C 250 9.71 16.89 -5.70
C PRO C 250 8.24 17.18 -6.05
N THR C 251 7.94 17.28 -7.33
CA THR C 251 6.56 17.39 -7.78
C THR C 251 5.81 16.09 -7.65
N LEU C 252 6.41 14.98 -8.12
CA LEU C 252 5.74 13.70 -8.07
C LEU C 252 5.43 13.24 -6.65
N VAL C 253 6.34 13.53 -5.72
CA VAL C 253 6.20 13.04 -4.34
C VAL C 253 5.14 13.83 -3.58
N ARG C 254 4.79 14.99 -4.12
CA ARG C 254 3.72 15.78 -3.52
C ARG C 254 2.39 15.62 -4.27
N PHE C 255 2.37 14.82 -5.32
CA PHE C 255 1.22 14.81 -6.21
C PHE C 255 -0.03 14.17 -5.60
N ASP C 256 0.05 12.90 -5.19
CA ASP C 256 -1.15 12.27 -4.59
C ASP C 256 -1.52 12.91 -3.25
N ALA C 257 -0.54 13.36 -2.47
CA ALA C 257 -0.81 13.95 -1.15
C ALA C 257 -1.48 15.32 -1.21
N VAL C 258 -1.14 16.13 -2.20
CA VAL C 258 -1.61 17.51 -2.27
C VAL C 258 -2.14 17.90 -3.67
N TYR C 259 -1.30 17.84 -4.70
CA TYR C 259 -1.68 18.41 -5.99
C TYR C 259 -2.97 17.78 -6.59
N HIS C 260 -3.10 16.47 -6.43
CA HIS C 260 -4.21 15.71 -6.99
C HIS C 260 -5.56 16.33 -6.61
N GLY C 261 -5.74 16.63 -5.33
CA GLY C 261 -7.02 17.14 -4.82
C GLY C 261 -6.99 18.66 -4.63
N HIS C 262 -6.01 19.13 -3.87
CA HIS C 262 -5.94 20.55 -3.52
C HIS C 262 -5.80 21.47 -4.74
N PHE C 263 -5.02 21.06 -5.72
CA PHE C 263 -4.82 21.83 -6.95
C PHE C 263 -5.60 21.27 -8.13
N LYS C 264 -6.53 20.38 -7.83
CA LYS C 264 -7.44 19.85 -8.83
C LYS C 264 -6.71 19.21 -10.02
N CYS C 265 -5.51 18.67 -9.80
CA CYS C 265 -4.75 18.06 -10.89
C CYS C 265 -5.15 16.62 -11.23
N GLY C 266 -6.00 16.00 -10.42
CA GLY C 266 -6.28 14.56 -10.51
C GLY C 266 -7.03 13.90 -11.67
N ARG C 267 -6.47 13.92 -12.88
CA ARG C 267 -6.93 12.98 -13.90
C ARG C 267 -6.85 11.53 -13.41
N ASN C 268 -5.70 11.22 -12.79
CA ASN C 268 -5.36 9.93 -12.19
C ASN C 268 -4.47 10.23 -11.02
N LYS C 269 -4.39 9.29 -10.08
CA LYS C 269 -3.32 9.30 -9.10
C LYS C 269 -2.06 8.78 -9.77
N ILE C 270 -0.91 9.21 -9.25
CA ILE C 270 0.35 8.66 -9.71
C ILE C 270 0.36 7.13 -9.53
N THR C 271 -0.30 6.62 -8.49
CA THR C 271 -0.39 5.17 -8.25
C THR C 271 -1.03 4.43 -9.43
N GLU C 272 -1.77 5.14 -10.27
CA GLU C 272 -2.40 4.50 -11.43
C GLU C 272 -1.59 4.67 -12.69
N PRO C 274 1.64 3.37 -14.23
CA PRO C 274 2.59 2.30 -13.84
C PRO C 274 4.08 2.70 -13.87
N ASN C 275 4.54 3.31 -14.97
CA ASN C 275 5.94 3.70 -15.03
C ASN C 275 6.26 4.79 -14.05
N LEU C 276 5.42 5.82 -13.98
CA LEU C 276 5.66 6.94 -13.08
C LEU C 276 5.62 6.48 -11.62
N TRP C 277 4.72 5.55 -11.29
CA TRP C 277 4.67 5.04 -9.90
C TRP C 277 5.89 4.18 -9.53
N GLY C 278 6.29 3.29 -10.43
CA GLY C 278 7.50 2.52 -10.20
C GLY C 278 8.70 3.47 -9.99
N TYR C 279 8.84 4.42 -10.90
CA TYR C 279 9.90 5.43 -10.83
C TYR C 279 9.87 6.23 -9.54
N LEU C 280 8.69 6.68 -9.14
CA LEU C 280 8.55 7.46 -7.89
C LEU C 280 8.96 6.65 -6.65
N ARG C 281 8.58 5.38 -6.62
CA ARG C 281 8.96 4.52 -5.50
C ARG C 281 10.45 4.22 -5.50
N ASP C 282 10.99 3.99 -6.70
CA ASP C 282 12.42 3.74 -6.90
C ASP C 282 13.25 4.91 -6.32
N LEU C 283 12.91 6.13 -6.75
CA LEU C 283 13.53 7.34 -6.21
C LEU C 283 13.30 7.46 -4.70
N PHE C 284 12.06 7.33 -4.25
CA PHE C 284 11.75 7.45 -2.83
C PHE C 284 12.65 6.53 -1.96
N GLN C 285 12.84 5.29 -2.42
CA GLN C 285 13.60 4.25 -1.66
C GLN C 285 15.11 4.39 -1.88
N THR C 286 15.55 5.45 -2.56
CA THR C 286 16.98 5.77 -2.70
C THR C 286 17.43 6.73 -1.57
N PRO C 287 18.62 6.51 -1.01
CA PRO C 287 19.16 7.53 -0.06
C PRO C 287 19.17 8.97 -0.62
N GLY C 288 18.81 9.95 0.20
CA GLY C 288 18.69 11.31 -0.25
C GLY C 288 17.27 11.76 -0.52
N PHE C 289 16.43 10.83 -0.96
CA PHE C 289 15.08 11.19 -1.43
C PHE C 289 14.02 10.99 -0.33
N GLY C 290 13.65 9.74 -0.08
CA GLY C 290 12.65 9.45 0.96
C GLY C 290 13.04 10.02 2.33
N ASP C 291 14.32 9.92 2.66
CA ASP C 291 14.80 10.35 3.98
C ASP C 291 14.91 11.87 4.17
N THR C 292 14.51 12.65 3.16
CA THR C 292 14.33 14.11 3.31
C THR C 292 12.89 14.56 2.97
N THR C 293 11.95 13.60 2.90
CA THR C 293 10.57 13.87 2.53
C THR C 293 9.70 13.80 3.78
N ASP C 294 9.12 14.92 4.20
CA ASP C 294 8.22 14.95 5.38
C ASP C 294 6.80 15.20 4.91
N PHE C 295 6.01 14.13 4.81
CA PHE C 295 4.66 14.24 4.25
C PHE C 295 3.74 15.09 5.10
N THR C 296 3.95 15.09 6.40
CA THR C 296 3.10 15.87 7.30
C THR C 296 3.30 17.38 7.09
N GLU C 297 4.55 17.82 7.00
CA GLU C 297 4.81 19.24 6.75
C GLU C 297 4.37 19.63 5.33
N ILE C 298 4.55 18.76 4.36
CA ILE C 298 4.06 19.01 3.02
C ILE C 298 2.56 19.30 3.04
N LYS C 299 1.76 18.41 3.64
CA LYS C 299 0.31 18.52 3.63
C LYS C 299 -0.18 19.73 4.43
N GLN C 300 0.42 19.97 5.60
CA GLN C 300 0.00 21.09 6.45
C GLN C 300 0.24 22.43 5.74
N HIS C 301 1.40 22.59 5.14
CA HIS C 301 1.68 23.83 4.45
C HIS C 301 0.58 24.13 3.41
N TYR C 302 0.34 23.20 2.50
CA TYR C 302 -0.53 23.52 1.36
C TYR C 302 -1.96 23.70 1.79
N TYR C 303 -2.48 22.75 2.57
CA TYR C 303 -3.89 22.73 2.91
C TYR C 303 -4.25 23.82 3.94
N ILE C 304 -3.31 24.18 4.81
CA ILE C 304 -3.56 25.26 5.79
C ILE C 304 -3.22 26.69 5.25
N THR C 305 -2.13 26.84 4.53
CA THR C 305 -1.69 28.19 4.08
C THR C 305 -2.61 28.72 3.01
N HIS C 306 -3.06 27.87 2.09
CA HIS C 306 -3.80 28.36 0.91
C HIS C 306 -5.28 28.49 1.17
N ALA C 307 -5.61 29.44 2.06
CA ALA C 307 -6.99 29.66 2.53
C ALA C 307 -7.93 30.11 1.40
N GLU C 308 -7.39 30.76 0.38
CA GLU C 308 -8.19 31.17 -0.79
C GLU C 308 -8.73 29.98 -1.59
N ILE C 309 -7.99 28.89 -1.62
CA ILE C 309 -8.39 27.64 -2.29
C ILE C 309 -9.20 26.72 -1.33
N ASN C 310 -8.77 26.68 -0.06
CA ASN C 310 -9.29 25.78 0.97
C ASN C 310 -9.59 26.54 2.27
N PRO C 311 -10.69 27.36 2.30
CA PRO C 311 -10.97 28.25 3.43
C PRO C 311 -11.21 27.55 4.76
N THR C 312 -11.66 26.29 4.75
CA THR C 312 -11.85 25.57 6.01
C THR C 312 -10.51 25.26 6.69
N ARG C 313 -9.43 25.33 5.90
CA ARG C 313 -8.07 24.96 6.36
C ARG C 313 -7.92 23.50 6.84
N ILE C 314 -8.86 22.63 6.49
CA ILE C 314 -8.78 21.22 6.94
C ILE C 314 -7.75 20.46 6.10
N VAL C 315 -6.96 19.63 6.79
CA VAL C 315 -5.97 18.79 6.13
C VAL C 315 -6.58 17.38 6.00
N PRO C 316 -6.76 16.90 4.79
CA PRO C 316 -7.35 15.56 4.64
C PRO C 316 -6.48 14.49 5.32
N VAL C 317 -7.09 13.48 5.93
CA VAL C 317 -6.31 12.39 6.57
C VAL C 317 -5.57 11.59 5.49
N GLY C 318 -6.22 11.40 4.35
CA GLY C 318 -5.65 10.61 3.28
C GLY C 318 -4.68 11.45 2.43
N PRO C 319 -4.05 10.84 1.42
CA PRO C 319 -4.18 9.45 1.03
C PRO C 319 -3.33 8.54 1.92
N ASP C 320 -3.63 7.25 1.85
CA ASP C 320 -2.74 6.21 2.43
C ASP C 320 -1.41 6.28 1.71
N LEU C 321 -0.33 6.51 2.44
CA LEU C 321 0.99 6.66 1.82
C LEU C 321 1.85 5.39 1.82
N SER C 322 1.31 4.31 2.37
CA SER C 322 2.11 3.12 2.62
C SER C 322 2.65 2.53 1.33
N GLY C 323 2.03 2.84 0.21
CA GLY C 323 2.54 2.39 -1.08
C GLY C 323 3.97 2.81 -1.42
N PHE C 324 4.43 3.90 -0.81
CA PHE C 324 5.75 4.43 -1.14
C PHE C 324 6.88 3.44 -0.82
N ALA C 325 6.63 2.53 0.12
CA ALA C 325 7.67 1.59 0.58
C ALA C 325 7.64 0.22 -0.14
N THR C 326 6.66 0.02 -1.01
CA THR C 326 6.46 -1.26 -1.65
C THR C 326 7.47 -1.49 -2.81
N PRO C 327 7.79 -2.76 -3.07
CA PRO C 327 8.78 -3.05 -4.09
C PRO C 327 8.39 -2.52 -5.45
N HIS C 328 9.32 -1.80 -6.09
CA HIS C 328 8.95 -1.07 -7.34
C HIS C 328 9.20 -1.88 -8.60
N GLY C 329 10.13 -2.82 -8.56
CA GLY C 329 10.42 -3.67 -9.75
C GLY C 329 11.16 -2.96 -10.90
N ARG C 330 11.58 -1.73 -10.71
CA ARG C 330 12.19 -0.97 -11.85
C ARG C 330 13.55 -1.47 -12.27
N GLU C 331 14.15 -2.33 -11.44
CA GLU C 331 15.39 -2.95 -11.84
C GLU C 331 15.21 -3.91 -13.04
N LYS C 332 13.98 -4.27 -13.41
CA LYS C 332 13.70 -4.97 -14.68
C LYS C 332 14.27 -4.16 -15.90
N LEU C 333 14.41 -2.86 -15.78
CA LEU C 333 14.97 -2.05 -16.87
C LEU C 333 16.48 -2.01 -16.77
N GLY C 334 17.08 -2.72 -15.83
CA GLY C 334 18.53 -2.58 -15.66
C GLY C 334 18.90 -1.38 -14.80
N GLY C 335 20.16 -0.97 -14.88
CA GLY C 335 20.65 0.18 -14.17
C GLY C 335 20.66 0.07 -12.67
N SER C 336 20.79 1.24 -12.07
CA SER C 336 20.89 1.39 -10.63
C SER C 336 20.94 2.87 -10.37
N PRO C 337 20.60 3.29 -9.16
CA PRO C 337 20.54 4.72 -8.95
C PRO C 337 21.89 5.36 -9.22
N PHE C 338 22.94 4.66 -8.81
CA PHE C 338 24.29 5.18 -8.98
C PHE C 338 25.16 4.26 -9.81
N ALA C 339 26.12 4.86 -10.50
CA ALA C 339 27.05 4.16 -11.34
C ALA C 339 27.97 3.30 -10.50
N GLU C 340 28.66 2.43 -11.24
CA GLU C 340 29.61 1.50 -10.68
C GLU C 340 30.69 2.27 -9.91
N GLY C 341 30.99 1.83 -8.68
CA GLY C 341 32.01 2.49 -7.88
C GLY C 341 31.53 3.67 -7.05
N VAL C 342 30.28 4.09 -7.19
CA VAL C 342 29.79 5.22 -6.39
C VAL C 342 29.52 4.72 -4.96
N THR C 343 29.86 5.57 -4.00
CA THR C 343 29.58 5.28 -2.59
C THR C 343 28.21 5.83 -2.20
N LEU C 344 27.61 5.24 -1.18
CA LEU C 344 26.32 5.70 -0.68
C LEU C 344 26.51 6.78 0.41
N PRO C 345 25.51 7.65 0.62
CA PRO C 345 25.63 8.70 1.65
C PRO C 345 25.82 8.10 2.99
N GLY C 346 26.59 8.75 3.85
CA GLY C 346 26.67 8.32 5.22
C GLY C 346 25.41 8.65 5.98
N PRO C 347 25.36 8.29 7.28
CA PRO C 347 24.17 8.49 8.13
C PRO C 347 23.71 9.94 8.14
N ILE C 348 22.39 10.15 8.08
CA ILE C 348 21.84 11.51 8.06
C ILE C 348 22.21 12.18 9.39
N PRO C 349 22.71 13.42 9.37
CA PRO C 349 23.19 14.02 10.62
C PRO C 349 22.08 14.28 11.61
N ALA C 350 22.46 14.23 12.89
CA ALA C 350 21.55 14.46 14.00
C ALA C 350 20.88 15.83 13.79
N GLY C 351 19.57 15.89 13.94
CA GLY C 351 18.85 17.14 13.73
C GLY C 351 18.31 17.31 12.31
N GLU C 352 18.83 16.54 11.34
CA GLU C 352 18.42 16.71 9.92
C GLU C 352 17.45 15.65 9.44
N GLU C 353 17.11 14.72 10.34
CA GLU C 353 16.21 13.65 10.01
C GLU C 353 14.77 14.15 9.88
N VAL C 354 13.96 13.40 9.15
CA VAL C 354 12.54 13.76 9.00
C VAL C 354 11.90 13.75 10.37
N LYS C 355 11.25 14.86 10.72
CA LYS C 355 10.64 15.06 12.05
CA LYS C 355 10.67 15.01 12.06
C LYS C 355 9.37 14.23 12.21
N ASN C 356 8.64 14.01 11.12
CA ASN C 356 7.34 13.30 11.14
C ASN C 356 7.39 12.05 10.28
N PRO C 357 8.20 11.08 10.67
CA PRO C 357 8.29 9.95 9.76
C PRO C 357 7.00 9.15 9.71
N GLU C 358 6.70 8.58 8.54
CA GLU C 358 5.67 7.58 8.41
C GLU C 358 6.23 6.27 8.96
N PRO C 359 5.35 5.28 9.22
CA PRO C 359 5.85 4.06 9.83
C PRO C 359 6.93 3.40 8.99
N PHE C 360 6.93 3.60 7.67
CA PHE C 360 7.90 2.95 6.81
C PHE C 360 9.19 3.78 6.63
N GLN C 361 9.27 4.95 7.26
CA GLN C 361 10.49 5.77 7.28
C GLN C 361 11.28 5.52 8.59
N LYS C 362 12.59 5.50 8.49
CA LYS C 362 13.42 4.97 9.60
C LYS C 362 14.89 4.98 9.26
#